data_8HJO
#
_entry.id   8HJO
#
_cell.length_a   58.159
_cell.length_b   78.270
_cell.length_c   96.625
_cell.angle_alpha   90.000
_cell.angle_beta   92.925
_cell.angle_gamma   90.000
#
_symmetry.space_group_name_H-M   'P 1 21 1'
#
loop_
_entity.id
_entity.type
_entity.pdbx_description
1 polymer glycosyltranseferease
2 non-polymer "URIDINE-5'-DIPHOSPHATE"
3 non-polymer 2-AMINO-2-HYDROXYMETHYL-PROPANE-1,3-DIOL
4 non-polymer DI(HYDROXYETHYL)ETHER
5 water water
#
_entity_poly.entity_id   1
_entity_poly.type   'polypeptide(L)'
_entity_poly.pdbx_seq_one_letter_code
;MDAAQQGDTTTILMLPWLGYGHLSAFLELAKSLSRRNFHIYFCSTSVNLDAIKPKLPSSFSDSIQFVELHLPSSPEFPPH
LHTTNGLPPTLMPALHQAFSMAAQHFESILQTLAPHLLIYDSLQPWAPRVASSLKIPAINFNTTGVFVISQGLHPIHYPH
SKFPFSEFVLHNHWKAMYSTADGASTERTRKRGEAFLYCLHASCSVILINSFRELEGKYMDYLSVLLNKKVVPVGPLVYE
PNQDGEDEGYSSIKNWLDKKEPSSTVFVSFGSEYFPSKEEMEEIAHGLEASEVNFIWVVRFPQGDNTSGIEDALPKGFLE
RAGERGMVVKGWAPQAKILKHWSTGGFVSHCGWNSVMESMMFGVPIIGVPMHVDQPFNAGLVEEAGVGVEAKRDPDGKIQ
RDEVAKLIKEVVVEKTREDVRKKAREMSEILRSKGEEKFDEMVAEISLLLKIEHHHHH
;
_entity_poly.pdbx_strand_id   A,B
#
loop_
_chem_comp.id
_chem_comp.type
_chem_comp.name
_chem_comp.formula
PEG non-polymer DI(HYDROXYETHYL)ETHER 'C4 H10 O3'
TRS non-polymer 2-AMINO-2-HYDROXYMETHYL-PROPANE-1,3-DIOL 'C4 H12 N O3 1'
UDP RNA linking URIDINE-5'-DIPHOSPHATE 'C9 H14 N2 O12 P2'
#
# COMPACT_ATOMS: atom_id res chain seq x y z
N THR A 9 -30.86 30.95 8.75
CA THR A 9 -30.31 29.66 8.36
C THR A 9 -29.69 29.72 6.98
N THR A 10 -28.48 29.17 6.83
CA THR A 10 -27.82 29.16 5.53
C THR A 10 -28.44 28.10 4.62
N THR A 11 -28.78 28.51 3.40
CA THR A 11 -29.45 27.64 2.46
C THR A 11 -28.49 27.22 1.36
N ILE A 12 -28.63 25.96 0.93
CA ILE A 12 -27.82 25.37 -0.12
C ILE A 12 -28.77 24.74 -1.11
N LEU A 13 -28.61 25.05 -2.39
CA LEU A 13 -29.30 24.30 -3.44
C LEU A 13 -28.32 23.28 -3.99
N MET A 14 -28.76 22.04 -4.14
CA MET A 14 -27.91 20.96 -4.65
C MET A 14 -28.46 20.51 -5.98
N LEU A 15 -27.57 20.40 -6.97
CA LEU A 15 -27.94 20.00 -8.34
C LEU A 15 -27.09 18.82 -8.79
N PRO A 16 -27.52 17.60 -8.52
CA PRO A 16 -26.82 16.43 -9.06
C PRO A 16 -27.05 16.27 -10.56
N TRP A 17 -26.13 15.57 -11.21
CA TRP A 17 -26.44 15.05 -12.54
C TRP A 17 -27.57 14.03 -12.44
N LEU A 18 -28.27 13.82 -13.54
CA LEU A 18 -29.52 13.08 -13.59
C LEU A 18 -29.35 11.55 -13.51
N GLY A 19 -28.32 11.05 -12.84
CA GLY A 19 -28.13 9.62 -12.67
C GLY A 19 -28.40 9.21 -11.24
N TYR A 20 -28.90 7.98 -11.07
CA TYR A 20 -29.26 7.49 -9.74
C TYR A 20 -28.08 7.51 -8.76
N GLY A 21 -26.90 7.11 -9.23
CA GLY A 21 -25.73 7.13 -8.36
C GLY A 21 -25.36 8.54 -7.94
N HIS A 22 -25.49 9.51 -8.85
CA HIS A 22 -25.26 10.91 -8.51
C HIS A 22 -26.30 11.42 -7.53
N LEU A 23 -27.58 11.16 -7.80
CA LEU A 23 -28.63 11.55 -6.85
C LEU A 23 -28.37 10.96 -5.48
N SER A 24 -27.97 9.68 -5.42
N SER A 24 -27.96 9.69 -5.42
CA SER A 24 -27.77 9.01 -4.15
CA SER A 24 -27.77 9.01 -4.14
C SER A 24 -26.67 9.67 -3.34
C SER A 24 -26.67 9.67 -3.33
N ALA A 25 -25.53 9.95 -3.98
CA ALA A 25 -24.42 10.54 -3.25
C ALA A 25 -24.74 11.98 -2.83
N PHE A 26 -25.39 12.75 -3.70
CA PHE A 26 -25.79 14.11 -3.33
C PHE A 26 -26.76 14.08 -2.16
N LEU A 27 -27.67 13.09 -2.12
CA LEU A 27 -28.65 13.02 -1.03
C LEU A 27 -27.97 12.70 0.29
N GLU A 28 -27.00 11.78 0.28
CA GLU A 28 -26.26 11.51 1.51
C GLU A 28 -25.50 12.74 1.98
N LEU A 29 -24.93 13.52 1.05
CA LEU A 29 -24.28 14.76 1.44
C LEU A 29 -25.29 15.76 1.99
N ALA A 30 -26.49 15.82 1.38
CA ALA A 30 -27.54 16.70 1.87
C ALA A 30 -27.91 16.37 3.30
N LYS A 31 -28.04 15.08 3.61
CA LYS A 31 -28.37 14.67 4.97
C LYS A 31 -27.31 15.17 5.95
N SER A 32 -26.04 15.02 5.60
CA SER A 32 -24.97 15.42 6.50
C SER A 32 -24.95 16.94 6.71
N LEU A 33 -25.24 17.69 5.64
CA LEU A 33 -25.30 19.15 5.77
C LEU A 33 -26.50 19.58 6.61
N SER A 34 -27.62 18.88 6.46
CA SER A 34 -28.82 19.24 7.22
C SER A 34 -28.59 19.09 8.71
N ARG A 35 -27.79 18.11 9.13
CA ARG A 35 -27.46 17.95 10.54
C ARG A 35 -26.56 19.06 11.05
N ARG A 36 -25.93 19.82 10.17
CA ARG A 36 -25.12 20.97 10.56
C ARG A 36 -25.87 22.29 10.42
N ASN A 37 -27.20 22.24 10.44
CA ASN A 37 -28.06 23.43 10.40
C ASN A 37 -27.88 24.20 9.08
N PHE A 38 -27.81 23.46 7.99
CA PHE A 38 -28.06 24.02 6.67
C PHE A 38 -29.47 23.59 6.25
N HIS A 39 -30.13 24.45 5.49
CA HIS A 39 -31.38 24.09 4.84
C HIS A 39 -31.07 23.77 3.39
N ILE A 40 -31.52 22.62 2.91
CA ILE A 40 -31.15 22.13 1.57
C ILE A 40 -32.35 22.18 0.65
N TYR A 41 -32.17 22.79 -0.52
CA TYR A 41 -33.06 22.59 -1.67
C TYR A 41 -32.42 21.56 -2.58
N PHE A 42 -33.11 20.45 -2.80
CA PHE A 42 -32.56 19.34 -3.56
C PHE A 42 -33.27 19.32 -4.92
N CYS A 43 -32.53 19.60 -5.99
CA CYS A 43 -33.12 19.93 -7.28
C CYS A 43 -32.83 18.83 -8.31
N SER A 44 -33.91 18.26 -8.88
CA SER A 44 -33.74 17.33 -10.00
C SER A 44 -35.05 17.18 -10.76
N THR A 45 -35.03 16.33 -11.78
CA THR A 45 -36.24 16.04 -12.53
C THR A 45 -37.20 15.20 -11.69
N SER A 46 -38.49 15.28 -12.03
CA SER A 46 -39.49 14.61 -11.18
C SER A 46 -39.25 13.11 -11.11
N VAL A 47 -38.85 12.50 -12.23
CA VAL A 47 -38.66 11.05 -12.22
C VAL A 47 -37.51 10.68 -11.29
N ASN A 48 -36.50 11.54 -11.20
CA ASN A 48 -35.40 11.28 -10.29
C ASN A 48 -35.80 11.53 -8.84
N LEU A 49 -36.56 12.60 -8.60
CA LEU A 49 -36.97 12.88 -7.24
C LEU A 49 -37.85 11.75 -6.70
N ASP A 50 -38.71 11.18 -7.55
CA ASP A 50 -39.56 10.09 -7.08
C ASP A 50 -38.74 8.86 -6.73
N ALA A 51 -37.67 8.58 -7.48
CA ALA A 51 -36.83 7.43 -7.19
C ALA A 51 -36.06 7.61 -5.89
N ILE A 52 -35.68 8.83 -5.55
CA ILE A 52 -34.85 9.04 -4.37
C ILE A 52 -35.65 9.34 -3.11
N LYS A 53 -36.90 9.79 -3.23
CA LYS A 53 -37.70 10.10 -2.05
C LYS A 53 -37.76 8.98 -1.02
N PRO A 54 -37.90 7.70 -1.38
CA PRO A 54 -37.93 6.66 -0.33
C PRO A 54 -36.67 6.60 0.51
N LYS A 55 -35.56 7.14 0.01
CA LYS A 55 -34.30 7.09 0.75
C LYS A 55 -34.15 8.22 1.75
N LEU A 56 -35.14 9.09 1.88
CA LEU A 56 -35.04 10.21 2.81
C LEU A 56 -35.94 9.97 4.02
N PRO A 57 -35.39 9.63 5.18
CA PRO A 57 -36.22 9.49 6.39
C PRO A 57 -36.99 10.76 6.71
N SER A 58 -38.16 10.57 7.33
CA SER A 58 -39.02 11.68 7.73
C SER A 58 -38.31 12.67 8.65
N SER A 59 -37.27 12.23 9.35
CA SER A 59 -36.49 13.11 10.21
C SER A 59 -35.92 14.31 9.45
N PHE A 60 -35.79 14.23 8.12
CA PHE A 60 -35.23 15.31 7.32
C PHE A 60 -36.29 16.13 6.59
N SER A 61 -37.57 15.84 6.80
CA SER A 61 -38.61 16.44 5.95
C SER A 61 -38.61 17.96 6.02
N ASP A 62 -38.17 18.53 7.14
CA ASP A 62 -38.17 19.98 7.35
C ASP A 62 -36.94 20.67 6.78
N SER A 63 -35.82 19.96 6.63
CA SER A 63 -34.55 20.58 6.30
C SER A 63 -34.05 20.26 4.91
N ILE A 64 -34.67 19.30 4.22
CA ILE A 64 -34.31 18.92 2.86
C ILE A 64 -35.58 18.97 2.04
N GLN A 65 -35.68 19.95 1.15
CA GLN A 65 -36.87 20.23 0.34
C GLN A 65 -36.57 19.92 -1.11
N PHE A 66 -37.44 19.14 -1.76
CA PHE A 66 -37.23 18.81 -3.16
C PHE A 66 -37.80 19.90 -4.06
N VAL A 67 -37.05 20.23 -5.11
CA VAL A 67 -37.43 21.25 -6.07
C VAL A 67 -37.35 20.61 -7.46
N GLU A 68 -38.45 20.67 -8.20
CA GLU A 68 -38.48 20.02 -9.50
C GLU A 68 -37.86 20.90 -10.58
N LEU A 69 -37.00 20.32 -11.39
CA LEU A 69 -36.42 20.95 -12.57
C LEU A 69 -37.10 20.35 -13.78
N HIS A 70 -37.52 21.19 -14.73
CA HIS A 70 -38.20 20.71 -15.93
C HIS A 70 -37.26 20.78 -17.11
N LEU A 71 -37.16 19.68 -17.86
CA LEU A 71 -36.44 19.60 -19.11
C LEU A 71 -37.41 19.71 -20.27
N PRO A 72 -36.95 20.10 -21.45
CA PRO A 72 -37.80 20.02 -22.64
C PRO A 72 -38.30 18.60 -22.86
N SER A 73 -39.58 18.48 -23.24
CA SER A 73 -40.24 17.20 -23.38
C SER A 73 -40.84 17.06 -24.76
N SER A 74 -40.95 15.81 -25.22
CA SER A 74 -41.60 15.48 -26.47
C SER A 74 -42.10 14.04 -26.34
N PRO A 75 -43.12 13.65 -27.11
CA PRO A 75 -43.63 12.27 -26.99
C PRO A 75 -42.54 11.23 -27.09
N GLU A 76 -41.50 11.52 -27.85
CA GLU A 76 -40.42 10.58 -28.05
C GLU A 76 -39.32 10.70 -27.00
N PHE A 77 -39.34 11.76 -26.20
CA PHE A 77 -38.45 11.90 -25.04
C PHE A 77 -39.25 12.54 -23.91
N PRO A 78 -40.17 11.78 -23.32
CA PRO A 78 -41.07 12.34 -22.33
C PRO A 78 -40.41 12.40 -20.96
N PRO A 79 -41.04 13.07 -19.98
CA PRO A 79 -40.37 13.29 -18.69
C PRO A 79 -40.01 12.02 -17.93
N HIS A 80 -40.70 10.89 -18.16
CA HIS A 80 -40.30 9.72 -17.39
C HIS A 80 -38.98 9.14 -17.85
N LEU A 81 -38.43 9.64 -18.96
CA LEU A 81 -37.10 9.24 -19.42
C LEU A 81 -36.02 10.24 -19.06
N HIS A 82 -36.32 11.25 -18.23
CA HIS A 82 -35.34 12.30 -17.94
C HIS A 82 -34.45 11.89 -16.77
N THR A 83 -33.81 10.75 -16.95
CA THR A 83 -32.90 10.13 -15.99
C THR A 83 -32.04 9.13 -16.76
N THR A 84 -30.81 8.88 -16.28
CA THR A 84 -30.04 7.79 -16.87
C THR A 84 -30.49 6.42 -16.41
N ASN A 85 -31.33 6.35 -15.37
CA ASN A 85 -31.68 5.08 -14.74
C ASN A 85 -32.49 4.23 -15.71
N GLY A 86 -31.85 3.22 -16.28
CA GLY A 86 -32.51 2.38 -17.26
C GLY A 86 -32.70 3.03 -18.61
N LEU A 87 -32.03 4.14 -18.87
CA LEU A 87 -32.21 4.84 -20.13
C LEU A 87 -31.53 4.05 -21.26
N PRO A 88 -32.18 3.88 -22.41
CA PRO A 88 -31.48 3.35 -23.57
C PRO A 88 -30.21 4.13 -23.80
N PRO A 89 -29.05 3.46 -23.92
CA PRO A 89 -27.80 4.23 -24.00
C PRO A 89 -27.76 5.19 -25.18
N THR A 90 -28.50 4.90 -26.25
CA THR A 90 -28.44 5.82 -27.39
C THR A 90 -29.18 7.12 -27.12
N LEU A 91 -29.94 7.22 -26.02
CA LEU A 91 -30.57 8.46 -25.60
C LEU A 91 -29.71 9.29 -24.67
N MET A 92 -28.53 8.80 -24.26
CA MET A 92 -27.66 9.58 -23.39
C MET A 92 -27.29 10.95 -23.96
N PRO A 93 -26.90 11.10 -25.23
CA PRO A 93 -26.64 12.48 -25.73
C PRO A 93 -27.85 13.39 -25.66
N ALA A 94 -29.04 12.87 -25.96
CA ALA A 94 -30.25 13.69 -25.84
C ALA A 94 -30.48 14.15 -24.39
N LEU A 95 -30.21 13.28 -23.42
CA LEU A 95 -30.42 13.66 -22.03
C LEU A 95 -29.45 14.78 -21.61
N HIS A 96 -28.19 14.68 -22.00
CA HIS A 96 -27.25 15.74 -21.69
C HIS A 96 -27.68 17.06 -22.32
N GLN A 97 -28.12 17.00 -23.57
CA GLN A 97 -28.56 18.21 -24.26
C GLN A 97 -29.81 18.79 -23.61
N ALA A 98 -30.77 17.93 -23.26
CA ALA A 98 -32.00 18.41 -22.62
C ALA A 98 -31.71 19.02 -21.25
N PHE A 99 -30.75 18.45 -20.51
CA PHE A 99 -30.35 19.02 -19.22
C PHE A 99 -29.76 20.41 -19.40
N SER A 100 -28.93 20.60 -20.43
CA SER A 100 -28.38 21.93 -20.66
C SER A 100 -29.47 22.94 -20.98
N MET A 101 -30.57 22.48 -21.58
CA MET A 101 -31.67 23.36 -21.95
C MET A 101 -32.57 23.68 -20.78
N ALA A 102 -32.32 23.10 -19.61
CA ALA A 102 -33.03 23.46 -18.40
C ALA A 102 -32.39 24.66 -17.70
N ALA A 103 -31.34 25.26 -18.29
CA ALA A 103 -30.62 26.31 -17.59
C ALA A 103 -31.51 27.52 -17.30
N GLN A 104 -32.45 27.86 -18.18
CA GLN A 104 -33.31 29.02 -17.89
C GLN A 104 -34.26 28.72 -16.74
N HIS A 105 -34.86 27.53 -16.72
CA HIS A 105 -35.67 27.18 -15.57
C HIS A 105 -34.82 27.19 -14.30
N PHE A 106 -33.60 26.66 -14.39
CA PHE A 106 -32.70 26.66 -13.25
C PHE A 106 -32.40 28.08 -12.78
N GLU A 107 -32.19 29.01 -13.71
CA GLU A 107 -31.98 30.40 -13.31
C GLU A 107 -33.18 30.95 -12.55
N SER A 108 -34.40 30.65 -13.01
CA SER A 108 -35.59 31.17 -12.33
C SER A 108 -35.75 30.55 -10.93
N ILE A 109 -35.41 29.27 -10.79
CA ILE A 109 -35.42 28.63 -9.48
C ILE A 109 -34.44 29.35 -8.53
N LEU A 110 -33.22 29.62 -9.00
CA LEU A 110 -32.24 30.27 -8.15
C LEU A 110 -32.68 31.70 -7.80
N GLN A 111 -33.32 32.39 -8.73
CA GLN A 111 -33.82 33.72 -8.43
C GLN A 111 -34.90 33.67 -7.37
N THR A 112 -35.78 32.67 -7.45
CA THR A 112 -36.92 32.59 -6.54
C THR A 112 -36.49 32.13 -5.15
N LEU A 113 -35.62 31.12 -5.08
CA LEU A 113 -35.20 30.59 -3.79
C LEU A 113 -34.04 31.36 -3.16
N ALA A 114 -33.23 32.03 -3.96
CA ALA A 114 -32.06 32.79 -3.55
C ALA A 114 -31.22 32.04 -2.50
N PRO A 115 -30.72 30.85 -2.83
CA PRO A 115 -29.87 30.13 -1.88
C PRO A 115 -28.54 30.85 -1.69
N HIS A 116 -27.91 30.59 -0.54
CA HIS A 116 -26.60 31.16 -0.28
C HIS A 116 -25.48 30.45 -1.02
N LEU A 117 -25.71 29.21 -1.46
CA LEU A 117 -24.65 28.42 -2.05
C LEU A 117 -25.29 27.43 -3.00
N LEU A 118 -24.62 27.18 -4.12
CA LEU A 118 -24.96 26.08 -5.04
C LEU A 118 -23.88 25.01 -4.92
N ILE A 119 -24.30 23.75 -4.78
CA ILE A 119 -23.40 22.62 -4.91
C ILE A 119 -23.83 21.83 -6.14
N TYR A 120 -22.93 21.70 -7.12
CA TYR A 120 -23.29 21.19 -8.44
C TYR A 120 -22.35 20.06 -8.85
N ASP A 121 -22.86 19.21 -9.73
CA ASP A 121 -22.15 18.05 -10.26
C ASP A 121 -21.31 18.46 -11.46
N SER A 122 -20.52 17.51 -11.96
CA SER A 122 -19.47 17.83 -12.93
C SER A 122 -19.90 17.61 -14.38
N LEU A 123 -21.21 17.57 -14.63
CA LEU A 123 -21.71 17.36 -15.98
C LEU A 123 -22.58 18.51 -16.45
N GLN A 124 -22.44 19.68 -15.82
CA GLN A 124 -23.36 20.80 -16.06
C GLN A 124 -22.62 22.11 -15.91
N PRO A 125 -21.76 22.44 -16.86
CA PRO A 125 -21.01 23.71 -16.74
C PRO A 125 -21.92 24.93 -16.74
N TRP A 126 -23.13 24.82 -17.31
CA TRP A 126 -24.07 25.93 -17.27
C TRP A 126 -24.50 26.27 -15.84
N ALA A 127 -24.38 25.33 -14.90
CA ALA A 127 -24.90 25.60 -13.56
C ALA A 127 -24.04 26.61 -12.81
N PRO A 128 -22.72 26.45 -12.69
CA PRO A 128 -21.94 27.52 -12.07
C PRO A 128 -22.00 28.83 -12.85
N ARG A 129 -22.18 28.78 -14.17
CA ARG A 129 -22.32 30.03 -14.93
C ARG A 129 -23.57 30.79 -14.51
N VAL A 130 -24.69 30.08 -14.40
CA VAL A 130 -25.93 30.73 -13.94
C VAL A 130 -25.76 31.27 -12.51
N ALA A 131 -25.21 30.46 -11.61
CA ALA A 131 -25.01 30.88 -10.24
C ALA A 131 -24.18 32.15 -10.17
N SER A 132 -23.09 32.20 -10.96
CA SER A 132 -22.18 33.33 -10.89
C SER A 132 -22.87 34.59 -11.38
N SER A 133 -23.72 34.46 -12.41
CA SER A 133 -24.47 35.62 -12.90
C SER A 133 -25.41 36.17 -11.84
N LEU A 134 -25.82 35.34 -10.88
CA LEU A 134 -26.72 35.73 -9.81
C LEU A 134 -25.99 36.05 -8.51
N LYS A 135 -24.64 36.06 -8.54
CA LYS A 135 -23.78 36.30 -7.36
C LYS A 135 -24.03 35.28 -6.26
N ILE A 136 -24.27 34.04 -6.65
CA ILE A 136 -24.41 32.90 -5.75
C ILE A 136 -23.14 32.06 -5.84
N PRO A 137 -22.38 31.88 -4.76
CA PRO A 137 -21.17 31.06 -4.83
C PRO A 137 -21.57 29.63 -5.15
N ALA A 138 -20.68 28.93 -5.85
CA ALA A 138 -20.97 27.58 -6.32
C ALA A 138 -19.75 26.67 -6.12
N ILE A 139 -19.97 25.50 -5.54
CA ILE A 139 -18.91 24.53 -5.28
C ILE A 139 -19.25 23.23 -6.00
N ASN A 140 -18.26 22.65 -6.65
CA ASN A 140 -18.40 21.40 -7.40
C ASN A 140 -18.26 20.20 -6.43
N PHE A 141 -19.22 19.29 -6.47
CA PHE A 141 -19.16 18.05 -5.72
C PHE A 141 -19.08 16.89 -6.70
N ASN A 142 -18.03 16.09 -6.57
CA ASN A 142 -17.78 14.95 -7.46
C ASN A 142 -18.15 13.66 -6.76
N THR A 143 -18.98 12.86 -7.41
CA THR A 143 -19.45 11.61 -6.85
C THR A 143 -18.58 10.44 -7.27
N THR A 144 -17.60 10.69 -8.13
CA THR A 144 -16.57 9.71 -8.41
C THR A 144 -15.52 9.75 -7.30
N GLY A 145 -14.52 8.87 -7.44
CA GLY A 145 -13.32 8.97 -6.65
C GLY A 145 -12.34 9.94 -7.29
N VAL A 146 -11.21 10.11 -6.60
CA VAL A 146 -10.20 11.09 -6.99
C VAL A 146 -9.33 10.56 -8.14
N PHE A 147 -9.00 9.26 -8.11
CA PHE A 147 -8.06 8.67 -9.05
C PHE A 147 -8.42 8.98 -10.50
N VAL A 148 -9.69 8.75 -10.88
CA VAL A 148 -10.06 8.98 -12.27
C VAL A 148 -9.94 10.46 -12.63
N ILE A 149 -10.23 11.36 -11.69
CA ILE A 149 -10.17 12.78 -12.02
C ILE A 149 -8.71 13.21 -12.19
N SER A 150 -7.84 12.74 -11.29
CA SER A 150 -6.44 13.06 -11.44
C SER A 150 -5.86 12.46 -12.71
N GLN A 151 -6.33 11.27 -13.11
CA GLN A 151 -5.86 10.70 -14.37
C GLN A 151 -6.34 11.51 -15.57
N GLY A 152 -7.49 12.17 -15.45
CA GLY A 152 -7.99 12.96 -16.56
C GLY A 152 -7.31 14.31 -16.67
N LEU A 153 -6.92 14.90 -15.54
CA LEU A 153 -6.31 16.22 -15.55
C LEU A 153 -4.80 16.16 -15.80
N HIS A 154 -4.15 15.08 -15.39
CA HIS A 154 -2.70 14.97 -15.54
C HIS A 154 -2.21 15.24 -16.97
N PRO A 155 -2.79 14.66 -18.02
CA PRO A 155 -2.24 14.88 -19.38
C PRO A 155 -2.40 16.31 -19.86
N ILE A 156 -3.34 17.07 -19.30
CA ILE A 156 -3.52 18.47 -19.68
C ILE A 156 -2.28 19.27 -19.34
N HIS A 157 -1.62 18.94 -18.24
CA HIS A 157 -0.42 19.62 -17.79
C HIS A 157 0.87 18.89 -18.13
N TYR A 158 0.83 17.57 -18.20
CA TYR A 158 2.02 16.76 -18.47
C TYR A 158 1.69 15.77 -19.58
N PRO A 159 1.49 16.27 -20.81
CA PRO A 159 1.03 15.40 -21.90
C PRO A 159 2.05 14.35 -22.32
N HIS A 160 3.32 14.50 -21.96
CA HIS A 160 4.35 13.56 -22.37
C HIS A 160 4.87 12.69 -21.23
N SER A 161 4.25 12.72 -20.06
CA SER A 161 4.76 12.02 -18.89
C SER A 161 3.76 11.01 -18.35
N LYS A 162 4.29 9.92 -17.82
CA LYS A 162 3.43 8.92 -17.19
C LYS A 162 2.83 9.48 -15.91
N PHE A 163 1.59 9.08 -15.64
CA PHE A 163 0.94 9.45 -14.39
C PHE A 163 1.78 8.97 -13.21
N PRO A 164 2.02 9.81 -12.20
CA PRO A 164 2.87 9.40 -11.09
C PRO A 164 2.13 8.49 -10.12
N PHE A 165 2.90 7.86 -9.23
CA PHE A 165 2.39 7.20 -8.03
C PHE A 165 1.49 6.01 -8.30
N SER A 166 1.40 5.51 -9.53
CA SER A 166 0.56 4.34 -9.79
C SER A 166 1.17 3.50 -10.89
N GLU A 167 1.03 2.18 -10.76
CA GLU A 167 1.40 1.26 -11.83
C GLU A 167 0.21 0.91 -12.71
N PHE A 168 -0.96 1.50 -12.47
CA PHE A 168 -2.14 1.20 -13.27
C PHE A 168 -1.87 1.52 -14.73
N VAL A 169 -2.24 0.59 -15.61
CA VAL A 169 -2.27 0.84 -17.05
C VAL A 169 -3.69 0.62 -17.54
N LEU A 170 -4.20 1.60 -18.28
CA LEU A 170 -5.53 1.46 -18.88
C LEU A 170 -5.45 0.52 -20.08
N HIS A 171 -6.31 -0.49 -20.08
CA HIS A 171 -6.39 -1.45 -21.19
C HIS A 171 -6.68 -0.72 -22.49
N ASN A 172 -6.08 -1.20 -23.59
CA ASN A 172 -6.27 -0.59 -24.89
C ASN A 172 -7.75 -0.52 -25.27
N HIS A 173 -8.56 -1.42 -24.74
CA HIS A 173 -10.00 -1.40 -25.00
C HIS A 173 -10.61 -0.06 -24.66
N TRP A 174 -10.17 0.55 -23.56
CA TRP A 174 -10.74 1.82 -23.13
C TRP A 174 -9.98 3.01 -23.70
N LYS A 175 -8.68 2.86 -23.94
CA LYS A 175 -7.96 3.91 -24.65
C LYS A 175 -8.57 4.16 -26.03
N ALA A 176 -8.90 3.08 -26.74
CA ALA A 176 -9.61 3.22 -28.00
C ALA A 176 -11.01 3.81 -27.78
N MET A 177 -11.73 3.28 -26.79
CA MET A 177 -13.08 3.75 -26.48
C MET A 177 -13.08 5.23 -26.12
N THR A 186 -15.54 11.44 -31.48
CA THR A 186 -14.36 12.13 -31.01
C THR A 186 -14.69 13.48 -30.36
N GLU A 187 -15.63 14.23 -30.94
CA GLU A 187 -15.99 15.51 -30.36
C GLU A 187 -17.01 15.39 -29.24
N ARG A 188 -17.81 14.33 -29.22
CA ARG A 188 -18.59 14.00 -28.03
C ARG A 188 -17.72 13.80 -26.82
N THR A 189 -16.65 13.02 -26.96
CA THR A 189 -15.74 12.78 -25.85
C THR A 189 -15.03 14.06 -25.42
N ARG A 190 -14.58 14.84 -26.41
CA ARG A 190 -13.86 16.07 -26.12
C ARG A 190 -14.75 17.08 -25.40
N LYS A 191 -15.99 17.27 -25.86
CA LYS A 191 -16.86 18.26 -25.23
C LYS A 191 -17.26 17.83 -23.82
N ARG A 192 -17.52 16.54 -23.60
CA ARG A 192 -17.79 16.08 -22.24
C ARG A 192 -16.58 16.31 -21.34
N GLY A 193 -15.37 16.11 -21.88
CA GLY A 193 -14.18 16.38 -21.09
C GLY A 193 -14.02 17.85 -20.78
N GLU A 194 -14.21 18.71 -21.79
CA GLU A 194 -14.05 20.14 -21.57
C GLU A 194 -15.12 20.67 -20.62
N ALA A 195 -16.32 20.11 -20.68
CA ALA A 195 -17.37 20.46 -19.72
C ALA A 195 -16.94 20.08 -18.31
N PHE A 196 -16.40 18.87 -18.15
CA PHE A 196 -15.92 18.42 -16.85
C PHE A 196 -14.83 19.34 -16.31
N LEU A 197 -13.86 19.66 -17.16
CA LEU A 197 -12.80 20.60 -16.80
C LEU A 197 -13.38 21.93 -16.33
N TYR A 198 -14.36 22.47 -17.06
CA TYR A 198 -14.93 23.74 -16.66
C TYR A 198 -15.54 23.65 -15.27
N CYS A 199 -16.27 22.56 -15.01
CA CYS A 199 -16.95 22.39 -13.72
C CYS A 199 -15.96 22.40 -12.57
N LEU A 200 -14.79 21.79 -12.80
CA LEU A 200 -13.74 21.77 -11.78
C LEU A 200 -13.11 23.14 -11.62
N HIS A 201 -12.72 23.77 -12.73
CA HIS A 201 -12.06 25.06 -12.68
C HIS A 201 -12.98 26.16 -12.17
N ALA A 202 -14.28 26.06 -12.42
CA ALA A 202 -15.19 27.11 -12.03
C ALA A 202 -15.54 27.07 -10.55
N SER A 203 -15.23 25.97 -9.88
CA SER A 203 -15.67 25.78 -8.51
C SER A 203 -15.01 26.83 -7.61
N CYS A 204 -15.77 27.34 -6.66
CA CYS A 204 -15.28 28.41 -5.81
C CYS A 204 -14.40 27.83 -4.69
N SER A 205 -13.08 28.05 -4.78
CA SER A 205 -12.11 27.82 -3.70
C SER A 205 -11.73 26.35 -3.49
N VAL A 206 -12.73 25.46 -3.48
CA VAL A 206 -12.49 24.07 -3.21
C VAL A 206 -13.30 23.21 -4.17
N ILE A 207 -12.94 21.94 -4.25
CA ILE A 207 -13.87 20.95 -4.78
C ILE A 207 -14.10 19.90 -3.71
N LEU A 208 -15.32 19.35 -3.69
CA LEU A 208 -15.68 18.27 -2.78
C LEU A 208 -15.65 16.94 -3.56
N ILE A 209 -15.21 15.88 -2.89
CA ILE A 209 -15.15 14.57 -3.54
C ILE A 209 -15.55 13.48 -2.56
N ASN A 210 -16.33 12.51 -3.06
CA ASN A 210 -16.76 11.38 -2.23
C ASN A 210 -15.65 10.34 -2.14
N SER A 211 -14.61 10.68 -1.40
CA SER A 211 -13.53 9.74 -1.15
C SER A 211 -12.97 10.01 0.24
N PHE A 212 -11.86 9.36 0.57
CA PHE A 212 -11.23 9.52 1.87
C PHE A 212 -9.73 9.27 1.76
N ARG A 213 -8.97 9.87 2.69
CA ARG A 213 -7.51 9.95 2.54
C ARG A 213 -6.84 8.59 2.63
N GLU A 214 -7.33 7.70 3.50
CA GLU A 214 -6.71 6.38 3.62
C GLU A 214 -6.67 5.66 2.29
N LEU A 215 -7.65 5.92 1.42
CA LEU A 215 -7.70 5.28 0.11
C LEU A 215 -6.98 6.11 -0.96
N GLU A 216 -7.16 7.43 -0.96
CA GLU A 216 -6.76 8.20 -2.14
C GLU A 216 -6.00 9.48 -1.81
N GLY A 217 -5.37 9.56 -0.63
CA GLY A 217 -4.79 10.83 -0.20
C GLY A 217 -3.76 11.38 -1.15
N LYS A 218 -2.84 10.53 -1.61
CA LYS A 218 -1.80 11.04 -2.51
C LYS A 218 -2.40 11.56 -3.81
N TYR A 219 -3.50 10.98 -4.26
CA TYR A 219 -4.14 11.47 -5.48
C TYR A 219 -4.88 12.78 -5.23
N MET A 220 -5.46 12.95 -4.04
CA MET A 220 -6.07 14.23 -3.70
C MET A 220 -5.01 15.34 -3.66
N ASP A 221 -3.86 15.04 -3.08
CA ASP A 221 -2.79 16.04 -3.03
C ASP A 221 -2.32 16.41 -4.44
N TYR A 222 -2.18 15.40 -5.31
CA TYR A 222 -1.76 15.68 -6.68
C TYR A 222 -2.83 16.48 -7.42
N LEU A 223 -4.10 16.11 -7.24
CA LEU A 223 -5.17 16.83 -7.92
C LEU A 223 -5.23 18.28 -7.45
N SER A 224 -4.96 18.50 -6.16
CA SER A 224 -4.95 19.85 -5.62
C SER A 224 -3.88 20.71 -6.28
N VAL A 225 -2.73 20.11 -6.57
CA VAL A 225 -1.68 20.85 -7.28
C VAL A 225 -2.10 21.14 -8.71
N LEU A 226 -2.66 20.14 -9.40
CA LEU A 226 -3.06 20.34 -10.78
C LEU A 226 -4.13 21.41 -10.90
N LEU A 227 -5.03 21.52 -9.91
CA LEU A 227 -6.12 22.48 -9.96
C LEU A 227 -5.79 23.80 -9.30
N ASN A 228 -4.75 23.86 -8.47
CA ASN A 228 -4.48 25.02 -7.63
C ASN A 228 -5.69 25.37 -6.77
N LYS A 229 -6.38 24.33 -6.28
CA LYS A 229 -7.57 24.44 -5.45
C LYS A 229 -7.46 23.38 -4.38
N LYS A 230 -8.10 23.59 -3.23
CA LYS A 230 -8.12 22.54 -2.22
C LYS A 230 -9.12 21.46 -2.61
N VAL A 231 -8.70 20.21 -2.50
CA VAL A 231 -9.57 19.06 -2.74
C VAL A 231 -10.02 18.55 -1.38
N VAL A 232 -11.32 18.62 -1.11
CA VAL A 232 -11.86 18.33 0.22
C VAL A 232 -12.59 17.00 0.16
N PRO A 233 -12.11 15.96 0.83
CA PRO A 233 -12.87 14.70 0.85
C PRO A 233 -14.04 14.84 1.81
N VAL A 234 -15.17 14.23 1.43
CA VAL A 234 -16.34 14.20 2.28
C VAL A 234 -16.85 12.78 2.42
N GLY A 235 -16.08 11.81 1.94
CA GLY A 235 -16.46 10.42 2.02
C GLY A 235 -15.95 9.77 3.29
N PRO A 236 -16.39 8.53 3.55
CA PRO A 236 -17.32 7.73 2.76
C PRO A 236 -18.78 8.19 2.85
N LEU A 237 -19.45 8.37 1.71
CA LEU A 237 -20.88 8.64 1.68
C LEU A 237 -21.56 7.38 1.17
N VAL A 238 -22.21 6.64 2.07
CA VAL A 238 -22.85 5.38 1.73
C VAL A 238 -24.25 5.37 2.32
N TYR A 239 -25.24 5.09 1.48
CA TYR A 239 -26.61 4.93 1.95
C TYR A 239 -26.81 3.55 2.57
N GLU A 240 -27.44 3.54 3.75
CA GLU A 240 -27.78 2.31 4.45
C GLU A 240 -29.25 2.38 4.83
N PRO A 241 -30.10 1.47 4.32
CA PRO A 241 -31.52 1.45 4.70
C PRO A 241 -31.68 1.10 6.19
N GLU A 246 -39.09 -3.56 7.91
CA GLU A 246 -39.96 -4.41 7.09
C GLU A 246 -39.84 -4.05 5.61
N ASP A 247 -39.56 -5.06 4.79
CA ASP A 247 -39.31 -4.88 3.37
C ASP A 247 -39.69 -6.17 2.65
N GLU A 248 -40.66 -6.09 1.74
CA GLU A 248 -41.18 -7.30 1.10
C GLU A 248 -40.30 -7.76 -0.05
N GLY A 249 -39.72 -6.82 -0.82
CA GLY A 249 -38.85 -7.22 -1.92
C GLY A 249 -37.63 -7.99 -1.44
N TYR A 250 -36.99 -7.51 -0.38
CA TYR A 250 -35.86 -8.23 0.20
C TYR A 250 -36.29 -9.53 0.84
N SER A 251 -37.57 -9.67 1.23
CA SER A 251 -37.99 -10.85 1.99
C SER A 251 -37.69 -12.13 1.24
N SER A 252 -38.13 -12.23 -0.02
CA SER A 252 -37.87 -13.44 -0.80
C SER A 252 -36.38 -13.70 -0.95
N ILE A 253 -35.60 -12.64 -1.18
CA ILE A 253 -34.17 -12.78 -1.34
C ILE A 253 -33.53 -13.18 -0.02
N LYS A 254 -33.91 -12.51 1.07
CA LYS A 254 -33.44 -12.83 2.41
C LYS A 254 -33.68 -14.30 2.75
N ASN A 255 -34.88 -14.79 2.47
CA ASN A 255 -35.20 -16.19 2.78
C ASN A 255 -34.25 -17.16 2.06
N TRP A 256 -33.93 -16.86 0.80
CA TRP A 256 -32.99 -17.67 0.02
C TRP A 256 -31.57 -17.57 0.58
N LEU A 257 -31.13 -16.35 0.88
CA LEU A 257 -29.78 -16.18 1.42
C LEU A 257 -29.62 -16.84 2.78
N ASP A 258 -30.68 -16.81 3.60
CA ASP A 258 -30.62 -17.37 4.94
C ASP A 258 -30.32 -18.86 4.94
N LYS A 259 -30.54 -19.56 3.83
CA LYS A 259 -30.26 -20.98 3.74
C LYS A 259 -28.86 -21.28 3.24
N LYS A 260 -28.08 -20.25 2.89
CA LYS A 260 -26.76 -20.49 2.33
C LYS A 260 -25.70 -20.55 3.43
N GLU A 261 -24.53 -21.04 3.06
CA GLU A 261 -23.39 -20.99 3.96
C GLU A 261 -22.86 -19.56 4.10
N PRO A 262 -22.27 -19.21 5.24
CA PRO A 262 -21.68 -17.87 5.38
C PRO A 262 -20.61 -17.61 4.31
N SER A 263 -20.58 -16.36 3.84
CA SER A 263 -19.57 -15.88 2.88
C SER A 263 -19.47 -16.76 1.63
N SER A 264 -20.60 -17.27 1.17
CA SER A 264 -20.61 -18.22 0.08
C SER A 264 -21.20 -17.70 -1.22
N THR A 265 -21.73 -16.48 -1.22
CA THR A 265 -22.59 -16.01 -2.30
C THR A 265 -22.01 -14.71 -2.86
N VAL A 266 -22.12 -14.51 -4.18
CA VAL A 266 -21.75 -13.23 -4.79
C VAL A 266 -23.01 -12.51 -5.23
N PHE A 267 -23.01 -11.20 -5.06
CA PHE A 267 -23.99 -10.34 -5.71
C PHE A 267 -23.37 -9.87 -7.02
N VAL A 268 -24.20 -9.79 -8.07
CA VAL A 268 -23.73 -9.46 -9.42
C VAL A 268 -24.58 -8.29 -9.90
N SER A 269 -23.96 -7.13 -10.13
CA SER A 269 -24.75 -5.98 -10.55
C SER A 269 -23.89 -5.09 -11.41
N PHE A 270 -24.48 -4.52 -12.46
CA PHE A 270 -23.76 -3.55 -13.26
C PHE A 270 -24.34 -2.14 -13.11
N GLY A 271 -24.96 -1.85 -11.98
CA GLY A 271 -25.33 -0.48 -11.69
C GLY A 271 -26.67 -0.12 -12.31
N SER A 272 -26.91 1.18 -12.39
CA SER A 272 -28.20 1.68 -12.80
C SER A 272 -28.23 2.16 -14.24
N GLU A 273 -27.10 2.21 -14.94
CA GLU A 273 -27.11 2.81 -16.27
C GLU A 273 -26.21 2.06 -17.24
N TYR A 274 -26.16 0.75 -17.11
CA TYR A 274 -25.42 -0.06 -18.06
C TYR A 274 -26.17 -1.36 -18.33
N PHE A 275 -26.20 -1.76 -19.59
CA PHE A 275 -26.81 -3.03 -20.00
C PHE A 275 -25.77 -3.84 -20.73
N PRO A 276 -25.18 -4.85 -20.09
CA PRO A 276 -24.17 -5.65 -20.78
C PRO A 276 -24.74 -6.32 -22.02
N SER A 277 -23.91 -6.44 -23.03
CA SER A 277 -24.31 -7.05 -24.28
C SER A 277 -24.54 -8.55 -24.08
N LYS A 278 -25.19 -9.17 -25.07
CA LYS A 278 -25.42 -10.61 -25.05
C LYS A 278 -24.12 -11.38 -24.87
N GLU A 279 -23.05 -10.95 -25.55
CA GLU A 279 -21.77 -11.63 -25.42
C GLU A 279 -21.16 -11.39 -24.04
N GLU A 280 -21.32 -10.18 -23.49
CA GLU A 280 -20.79 -9.94 -22.15
C GLU A 280 -21.52 -10.79 -21.12
N MET A 281 -22.85 -10.89 -21.23
CA MET A 281 -23.62 -11.71 -20.31
C MET A 281 -23.21 -13.18 -20.42
N GLU A 282 -22.90 -13.64 -21.65
CA GLU A 282 -22.47 -15.02 -21.84
C GLU A 282 -21.21 -15.32 -21.03
N GLU A 283 -20.22 -14.42 -21.10
CA GLU A 283 -18.97 -14.64 -20.37
C GLU A 283 -19.20 -14.58 -18.86
N ILE A 284 -19.99 -13.62 -18.39
CA ILE A 284 -20.29 -13.55 -16.96
C ILE A 284 -21.01 -14.81 -16.51
N ALA A 285 -22.04 -15.21 -17.26
CA ALA A 285 -22.81 -16.39 -16.89
C ALA A 285 -21.93 -17.63 -16.84
N HIS A 286 -21.10 -17.82 -17.86
CA HIS A 286 -20.22 -18.98 -17.85
C HIS A 286 -19.15 -18.90 -16.78
N GLY A 287 -18.72 -17.68 -16.42
CA GLY A 287 -17.83 -17.54 -15.28
C GLY A 287 -18.48 -17.90 -13.97
N LEU A 288 -19.74 -17.49 -13.79
CA LEU A 288 -20.47 -17.86 -12.58
C LEU A 288 -20.66 -19.36 -12.51
N GLU A 289 -21.08 -19.97 -13.62
CA GLU A 289 -21.36 -21.41 -13.62
C GLU A 289 -20.11 -22.21 -13.30
N ALA A 290 -18.99 -21.88 -13.96
CA ALA A 290 -17.76 -22.63 -13.76
C ALA A 290 -17.24 -22.51 -12.34
N SER A 291 -17.51 -21.37 -11.68
CA SER A 291 -16.97 -21.13 -10.36
C SER A 291 -17.68 -21.93 -9.27
N GLU A 292 -18.92 -22.36 -9.54
CA GLU A 292 -19.78 -23.11 -8.63
C GLU A 292 -20.25 -22.31 -7.44
N VAL A 293 -20.07 -20.99 -7.47
CA VAL A 293 -20.51 -20.10 -6.40
C VAL A 293 -22.04 -20.01 -6.38
N ASN A 294 -22.58 -19.63 -5.22
CA ASN A 294 -23.94 -19.12 -5.15
C ASN A 294 -23.95 -17.68 -5.66
N PHE A 295 -25.01 -17.28 -6.35
CA PHE A 295 -25.06 -15.92 -6.85
C PHE A 295 -26.48 -15.38 -6.89
N ILE A 296 -26.60 -14.07 -6.65
CA ILE A 296 -27.78 -13.28 -6.99
C ILE A 296 -27.34 -12.27 -8.03
N TRP A 297 -27.99 -12.27 -9.18
CA TRP A 297 -27.59 -11.45 -10.32
C TRP A 297 -28.77 -10.58 -10.75
N VAL A 298 -28.56 -9.26 -10.76
CA VAL A 298 -29.59 -8.32 -11.22
C VAL A 298 -29.46 -8.16 -12.72
N VAL A 299 -30.53 -8.54 -13.44
CA VAL A 299 -30.58 -8.41 -14.89
C VAL A 299 -31.65 -7.40 -15.21
N ARG A 300 -31.34 -6.43 -16.08
CA ARG A 300 -32.23 -5.32 -16.37
C ARG A 300 -32.39 -5.18 -17.86
N PHE A 301 -33.50 -4.53 -18.25
CA PHE A 301 -33.76 -4.12 -19.61
C PHE A 301 -34.07 -2.63 -19.66
N PRO A 302 -33.69 -1.96 -20.75
CA PRO A 302 -33.90 -0.51 -20.82
C PRO A 302 -35.37 -0.15 -20.78
N GLN A 303 -35.65 1.05 -20.24
CA GLN A 303 -36.97 1.65 -20.31
C GLN A 303 -37.55 1.52 -21.71
N GLY A 304 -38.83 1.14 -21.77
CA GLY A 304 -39.52 0.91 -23.02
C GLY A 304 -39.51 -0.52 -23.48
N ASP A 305 -38.62 -1.35 -22.93
CA ASP A 305 -38.58 -2.78 -23.25
C ASP A 305 -39.22 -3.51 -22.08
N ASN A 306 -40.52 -3.79 -22.19
CA ASN A 306 -41.17 -4.64 -21.20
C ASN A 306 -41.67 -5.94 -21.82
N THR A 307 -41.15 -6.28 -23.01
CA THR A 307 -41.31 -7.61 -23.58
C THR A 307 -40.22 -8.56 -23.11
N SER A 308 -38.98 -8.07 -22.98
CA SER A 308 -37.84 -8.94 -22.77
C SER A 308 -37.92 -9.64 -21.42
N GLY A 309 -37.36 -10.85 -21.38
CA GLY A 309 -37.37 -11.66 -20.19
C GLY A 309 -35.98 -12.13 -19.83
N ILE A 310 -35.83 -12.47 -18.55
CA ILE A 310 -34.57 -13.01 -18.01
C ILE A 310 -34.04 -14.12 -18.90
N GLU A 311 -34.91 -15.04 -19.31
CA GLU A 311 -34.46 -16.25 -19.99
C GLU A 311 -33.76 -15.93 -21.31
N ASP A 312 -34.23 -14.90 -22.02
CA ASP A 312 -33.64 -14.58 -23.32
C ASP A 312 -32.28 -13.90 -23.19
N ALA A 313 -32.06 -13.13 -22.13
CA ALA A 313 -30.79 -12.43 -21.95
C ALA A 313 -29.66 -13.39 -21.58
N LEU A 314 -29.98 -14.54 -20.99
CA LEU A 314 -28.97 -15.46 -20.47
C LEU A 314 -28.74 -16.60 -21.42
N PRO A 315 -27.60 -17.31 -21.31
CA PRO A 315 -27.39 -18.49 -22.17
C PRO A 315 -28.47 -19.52 -21.95
N LYS A 316 -28.73 -20.32 -22.99
CA LYS A 316 -29.79 -21.32 -22.92
C LYS A 316 -29.46 -22.36 -21.85
N GLY A 317 -30.39 -22.57 -20.94
CA GLY A 317 -30.23 -23.55 -19.88
C GLY A 317 -29.36 -23.14 -18.72
N PHE A 318 -28.93 -21.87 -18.67
CA PHE A 318 -27.99 -21.44 -17.63
C PHE A 318 -28.61 -21.59 -16.24
N LEU A 319 -29.85 -21.09 -16.07
CA LEU A 319 -30.45 -21.16 -14.74
C LEU A 319 -30.83 -22.57 -14.38
N GLU A 320 -31.22 -23.38 -15.36
CA GLU A 320 -31.47 -24.79 -15.09
C GLU A 320 -30.21 -25.45 -14.55
N ARG A 321 -29.07 -25.20 -15.20
CA ARG A 321 -27.83 -25.82 -14.76
C ARG A 321 -27.40 -25.30 -13.38
N ALA A 322 -27.59 -24.01 -13.11
CA ALA A 322 -27.17 -23.46 -11.82
C ALA A 322 -28.00 -24.02 -10.68
N GLY A 323 -29.27 -24.30 -10.93
CA GLY A 323 -30.12 -24.87 -9.89
C GLY A 323 -30.21 -23.98 -8.67
N GLU A 324 -30.03 -24.60 -7.51
CA GLU A 324 -30.18 -23.93 -6.23
C GLU A 324 -29.13 -22.85 -6.00
N ARG A 325 -28.02 -22.90 -6.74
CA ARG A 325 -26.95 -21.94 -6.52
C ARG A 325 -27.27 -20.56 -7.05
N GLY A 326 -28.22 -20.43 -7.96
CA GLY A 326 -28.43 -19.20 -8.70
C GLY A 326 -29.78 -18.57 -8.44
N MET A 327 -29.80 -17.25 -8.36
CA MET A 327 -31.04 -16.49 -8.36
C MET A 327 -30.81 -15.27 -9.24
N VAL A 328 -31.71 -15.02 -10.18
CA VAL A 328 -31.68 -13.81 -10.99
C VAL A 328 -32.87 -12.96 -10.61
N VAL A 329 -32.62 -11.68 -10.34
CA VAL A 329 -33.66 -10.72 -9.99
C VAL A 329 -33.80 -9.76 -11.17
N LYS A 330 -35.04 -9.52 -11.60
CA LYS A 330 -35.28 -8.59 -12.71
C LYS A 330 -35.37 -7.16 -12.21
N GLY A 331 -34.67 -6.26 -12.89
CA GLY A 331 -34.91 -4.84 -12.67
C GLY A 331 -34.08 -4.17 -11.60
N TRP A 332 -34.23 -4.61 -10.35
CA TRP A 332 -33.62 -3.87 -9.24
C TRP A 332 -33.61 -4.77 -8.02
N ALA A 333 -32.55 -4.68 -7.22
CA ALA A 333 -32.45 -5.44 -5.99
C ALA A 333 -32.00 -4.54 -4.86
N PRO A 334 -32.26 -4.94 -3.60
CA PRO A 334 -31.76 -4.18 -2.43
C PRO A 334 -30.27 -4.45 -2.21
N GLN A 335 -29.44 -3.70 -2.95
CA GLN A 335 -28.01 -3.99 -2.99
C GLN A 335 -27.37 -3.92 -1.61
N ALA A 336 -27.66 -2.86 -0.85
CA ALA A 336 -26.98 -2.68 0.44
C ALA A 336 -27.38 -3.77 1.42
N LYS A 337 -28.66 -4.13 1.45
CA LYS A 337 -29.09 -5.22 2.33
C LYS A 337 -28.43 -6.53 1.94
N ILE A 338 -28.33 -6.81 0.65
CA ILE A 338 -27.69 -8.06 0.22
C ILE A 338 -26.21 -8.07 0.59
N LEU A 339 -25.50 -6.97 0.34
CA LEU A 339 -24.07 -6.94 0.64
C LEU A 339 -23.83 -7.10 2.14
N LYS A 340 -24.75 -6.62 2.97
CA LYS A 340 -24.59 -6.72 4.42
C LYS A 340 -24.99 -8.09 4.96
N HIS A 341 -25.64 -8.93 4.17
CA HIS A 341 -26.06 -10.25 4.63
C HIS A 341 -24.83 -11.14 4.85
N TRP A 342 -24.85 -11.93 5.92
CA TRP A 342 -23.67 -12.75 6.25
C TRP A 342 -23.36 -13.82 5.21
N SER A 343 -24.30 -14.15 4.31
CA SER A 343 -24.00 -15.10 3.26
C SER A 343 -23.12 -14.53 2.16
N THR A 344 -23.01 -13.21 2.06
CA THR A 344 -22.35 -12.62 0.90
C THR A 344 -20.84 -12.67 1.12
N GLY A 345 -20.14 -13.28 0.17
CA GLY A 345 -18.70 -13.35 0.28
C GLY A 345 -17.97 -12.53 -0.77
N GLY A 346 -18.71 -11.94 -1.71
CA GLY A 346 -18.08 -11.21 -2.78
C GLY A 346 -19.09 -10.44 -3.60
N PHE A 347 -18.57 -9.51 -4.40
CA PHE A 347 -19.42 -8.60 -5.17
C PHE A 347 -18.81 -8.52 -6.56
N VAL A 348 -19.46 -9.15 -7.53
CA VAL A 348 -19.09 -9.01 -8.94
C VAL A 348 -19.71 -7.72 -9.44
N SER A 349 -18.88 -6.71 -9.70
CA SER A 349 -19.39 -5.34 -9.80
C SER A 349 -18.81 -4.64 -11.04
N HIS A 350 -19.61 -3.76 -11.64
CA HIS A 350 -19.08 -2.89 -12.69
C HIS A 350 -18.13 -1.84 -12.13
N CYS A 351 -18.07 -1.70 -10.81
CA CYS A 351 -17.12 -0.81 -10.15
C CYS A 351 -17.52 0.65 -10.29
N GLY A 352 -18.82 0.91 -10.44
CA GLY A 352 -19.32 2.23 -10.14
C GLY A 352 -18.91 2.65 -8.75
N TRP A 353 -18.70 3.95 -8.57
CA TRP A 353 -18.04 4.37 -7.33
C TRP A 353 -18.91 4.17 -6.10
N ASN A 354 -20.23 4.32 -6.21
CA ASN A 354 -21.05 4.08 -5.04
C ASN A 354 -21.00 2.61 -4.65
N SER A 355 -21.02 1.72 -5.64
CA SER A 355 -20.90 0.29 -5.36
C SER A 355 -19.56 -0.04 -4.71
N VAL A 356 -18.48 0.61 -5.16
CA VAL A 356 -17.18 0.38 -4.54
C VAL A 356 -17.20 0.84 -3.08
N MET A 357 -17.70 2.06 -2.83
CA MET A 357 -17.72 2.59 -1.48
C MET A 357 -18.58 1.72 -0.56
N GLU A 358 -19.74 1.26 -1.07
CA GLU A 358 -20.61 0.39 -0.29
C GLU A 358 -19.89 -0.91 0.03
N SER A 359 -19.27 -1.53 -0.98
CA SER A 359 -18.59 -2.80 -0.75
C SER A 359 -17.48 -2.64 0.29
N MET A 360 -16.73 -1.55 0.23
CA MET A 360 -15.69 -1.32 1.23
C MET A 360 -16.28 -1.11 2.61
N MET A 361 -17.37 -0.34 2.71
CA MET A 361 -18.01 -0.09 4.00
C MET A 361 -18.52 -1.37 4.63
N PHE A 362 -19.07 -2.26 3.82
CA PHE A 362 -19.65 -3.50 4.32
C PHE A 362 -18.65 -4.64 4.36
N GLY A 363 -17.40 -4.40 3.98
CA GLY A 363 -16.35 -5.39 4.08
C GLY A 363 -16.40 -6.51 3.06
N VAL A 364 -17.03 -6.30 1.92
CA VAL A 364 -17.21 -7.33 0.90
C VAL A 364 -16.16 -7.15 -0.18
N PRO A 365 -15.32 -8.14 -0.44
CA PRO A 365 -14.34 -8.00 -1.53
C PRO A 365 -15.00 -7.88 -2.90
N ILE A 366 -14.40 -7.05 -3.74
CA ILE A 366 -14.92 -6.75 -5.06
C ILE A 366 -14.21 -7.61 -6.10
N ILE A 367 -14.98 -8.20 -6.99
CA ILE A 367 -14.46 -8.84 -8.19
C ILE A 367 -14.87 -7.93 -9.32
N GLY A 368 -13.92 -7.16 -9.84
CA GLY A 368 -14.23 -6.05 -10.74
C GLY A 368 -14.41 -6.46 -12.18
N VAL A 369 -15.57 -6.10 -12.75
CA VAL A 369 -15.84 -6.28 -14.18
C VAL A 369 -16.24 -4.92 -14.72
N PRO A 370 -15.32 -3.96 -14.77
CA PRO A 370 -15.68 -2.61 -15.20
C PRO A 370 -16.06 -2.60 -16.67
N MET A 371 -16.97 -1.68 -17.01
CA MET A 371 -17.53 -1.62 -18.35
C MET A 371 -17.12 -0.36 -19.10
N HIS A 372 -17.28 0.82 -18.51
CA HIS A 372 -16.96 2.05 -19.23
C HIS A 372 -16.85 3.22 -18.26
N VAL A 373 -16.76 4.43 -18.84
CA VAL A 373 -16.53 5.69 -18.13
C VAL A 373 -15.47 5.53 -17.03
N ASP A 374 -15.78 5.91 -15.78
CA ASP A 374 -14.76 5.88 -14.75
C ASP A 374 -14.47 4.49 -14.22
N GLN A 375 -15.26 3.49 -14.60
CA GLN A 375 -15.15 2.18 -13.98
C GLN A 375 -13.78 1.51 -14.12
N PRO A 376 -13.11 1.50 -15.28
CA PRO A 376 -11.80 0.85 -15.31
C PRO A 376 -10.79 1.50 -14.38
N PHE A 377 -10.85 2.82 -14.20
CA PHE A 377 -9.98 3.46 -13.21
C PHE A 377 -10.36 3.04 -11.80
N ASN A 378 -11.66 2.97 -11.50
CA ASN A 378 -12.07 2.56 -10.16
C ASN A 378 -11.60 1.14 -9.85
N ALA A 379 -11.72 0.24 -10.82
CA ALA A 379 -11.26 -1.13 -10.65
C ALA A 379 -9.77 -1.17 -10.40
N GLY A 380 -9.01 -0.33 -11.09
CA GLY A 380 -7.58 -0.30 -10.89
C GLY A 380 -7.21 0.18 -9.50
N LEU A 381 -7.95 1.16 -8.98
CA LEU A 381 -7.73 1.62 -7.62
C LEU A 381 -8.12 0.56 -6.59
N VAL A 382 -9.23 -0.14 -6.83
CA VAL A 382 -9.63 -1.26 -5.99
C VAL A 382 -8.50 -2.30 -5.91
N GLU A 383 -7.95 -2.66 -7.07
CA GLU A 383 -6.84 -3.62 -7.10
C GLU A 383 -5.64 -3.10 -6.33
N GLU A 384 -5.37 -1.80 -6.48
CA GLU A 384 -4.20 -1.19 -5.85
C GLU A 384 -4.34 -1.15 -4.34
N ALA A 385 -5.53 -0.79 -3.84
CA ALA A 385 -5.75 -0.81 -2.40
C ALA A 385 -5.83 -2.22 -1.85
N GLY A 386 -6.00 -3.22 -2.71
CA GLY A 386 -6.04 -4.60 -2.29
C GLY A 386 -7.35 -5.06 -1.68
N VAL A 387 -8.43 -4.29 -1.85
CA VAL A 387 -9.73 -4.71 -1.33
C VAL A 387 -10.55 -5.43 -2.39
N GLY A 388 -9.96 -5.71 -3.53
CA GLY A 388 -10.64 -6.47 -4.56
C GLY A 388 -9.66 -6.86 -5.63
N VAL A 389 -10.20 -7.53 -6.64
CA VAL A 389 -9.43 -7.99 -7.79
C VAL A 389 -10.19 -7.59 -9.04
N GLU A 390 -9.46 -7.37 -10.12
CA GLU A 390 -10.07 -7.03 -11.39
C GLU A 390 -9.95 -8.21 -12.35
N ALA A 391 -11.08 -8.62 -12.92
CA ALA A 391 -11.06 -9.58 -14.00
C ALA A 391 -10.58 -8.87 -15.25
N LYS A 392 -9.37 -9.21 -15.70
CA LYS A 392 -8.76 -8.53 -16.84
C LYS A 392 -9.41 -8.98 -18.14
N ARG A 393 -9.52 -8.05 -19.08
CA ARG A 393 -10.03 -8.38 -20.41
C ARG A 393 -8.91 -8.97 -21.25
N ASP A 394 -9.31 -9.77 -22.25
CA ASP A 394 -8.33 -10.38 -23.15
C ASP A 394 -7.79 -9.30 -24.10
N PRO A 395 -6.76 -9.62 -24.89
CA PRO A 395 -6.19 -8.62 -25.81
C PRO A 395 -7.21 -7.90 -26.68
N ASP A 396 -8.23 -8.58 -27.19
CA ASP A 396 -9.23 -7.94 -28.03
C ASP A 396 -10.24 -7.12 -27.23
N GLY A 397 -10.13 -7.08 -25.91
CA GLY A 397 -11.02 -6.29 -25.08
C GLY A 397 -12.26 -7.01 -24.60
N LYS A 398 -12.30 -8.33 -24.67
CA LYS A 398 -13.50 -9.07 -24.26
C LYS A 398 -13.37 -9.54 -22.81
N ILE A 399 -14.52 -9.63 -22.14
CA ILE A 399 -14.56 -10.28 -20.83
C ILE A 399 -14.17 -11.73 -21.02
N GLN A 400 -13.47 -12.28 -20.03
CA GLN A 400 -12.98 -13.65 -20.10
C GLN A 400 -13.69 -14.50 -19.05
N ARG A 401 -14.49 -15.47 -19.50
CA ARG A 401 -15.15 -16.37 -18.55
C ARG A 401 -14.16 -17.04 -17.62
N ASP A 402 -12.96 -17.36 -18.11
CA ASP A 402 -11.97 -18.05 -17.30
C ASP A 402 -11.46 -17.15 -16.17
N GLU A 403 -11.25 -15.87 -16.47
CA GLU A 403 -10.79 -14.94 -15.45
C GLU A 403 -11.85 -14.68 -14.40
N VAL A 404 -13.10 -14.51 -14.83
CA VAL A 404 -14.20 -14.34 -13.88
C VAL A 404 -14.32 -15.55 -12.96
N ALA A 405 -14.31 -16.75 -13.54
CA ALA A 405 -14.45 -17.96 -12.72
C ALA A 405 -13.30 -18.12 -11.77
N LYS A 406 -12.07 -17.84 -12.23
CA LYS A 406 -10.91 -18.05 -11.39
C LYS A 406 -10.91 -17.11 -10.20
N LEU A 407 -11.34 -15.85 -10.41
CA LEU A 407 -11.33 -14.89 -9.32
C LEU A 407 -12.42 -15.17 -8.31
N ILE A 408 -13.62 -15.55 -8.77
CA ILE A 408 -14.68 -15.96 -7.85
C ILE A 408 -14.24 -17.16 -7.02
N LYS A 409 -13.65 -18.15 -7.68
CA LYS A 409 -13.19 -19.34 -6.97
C LYS A 409 -12.13 -18.98 -5.92
N GLU A 410 -11.17 -18.13 -6.29
CA GLU A 410 -10.10 -17.80 -5.36
C GLU A 410 -10.59 -16.91 -4.21
N VAL A 411 -11.47 -15.95 -4.50
CA VAL A 411 -11.86 -15.00 -3.48
C VAL A 411 -12.99 -15.53 -2.61
N VAL A 412 -13.95 -16.25 -3.19
CA VAL A 412 -15.18 -16.61 -2.49
C VAL A 412 -15.27 -18.11 -2.22
N VAL A 413 -15.08 -18.95 -3.24
CA VAL A 413 -15.42 -20.37 -3.08
C VAL A 413 -14.34 -21.09 -2.28
N GLU A 414 -13.09 -20.97 -2.69
CA GLU A 414 -11.99 -21.62 -1.98
C GLU A 414 -11.29 -20.70 -1.00
N LYS A 415 -11.43 -19.39 -1.18
CA LYS A 415 -10.93 -18.38 -0.23
C LYS A 415 -9.41 -18.47 -0.07
N THR A 416 -8.72 -18.72 -1.19
CA THR A 416 -7.27 -18.69 -1.18
C THR A 416 -6.69 -17.29 -1.32
N ARG A 417 -7.53 -16.29 -1.61
CA ARG A 417 -7.09 -14.89 -1.60
C ARG A 417 -7.43 -14.25 -0.25
N GLU A 418 -6.82 -14.79 0.82
CA GLU A 418 -7.06 -14.24 2.14
C GLU A 418 -6.48 -12.84 2.32
N ASP A 419 -5.48 -12.47 1.53
CA ASP A 419 -5.01 -11.09 1.53
C ASP A 419 -6.15 -10.13 1.18
N VAL A 420 -6.92 -10.46 0.13
CA VAL A 420 -8.01 -9.59 -0.28
C VAL A 420 -9.07 -9.51 0.80
N ARG A 421 -9.49 -10.66 1.34
CA ARG A 421 -10.57 -10.67 2.32
C ARG A 421 -10.18 -9.91 3.58
N LYS A 422 -8.93 -10.05 4.03
CA LYS A 422 -8.48 -9.36 5.23
C LYS A 422 -8.41 -7.86 5.00
N LYS A 423 -7.88 -7.44 3.85
CA LYS A 423 -7.82 -6.01 3.56
C LYS A 423 -9.22 -5.41 3.48
N ALA A 424 -10.19 -6.15 2.94
CA ALA A 424 -11.54 -5.61 2.84
C ALA A 424 -12.16 -5.45 4.23
N ARG A 425 -11.92 -6.42 5.12
CA ARG A 425 -12.39 -6.28 6.49
CA ARG A 425 -12.38 -6.28 6.50
C ARG A 425 -11.70 -5.10 7.19
N GLU A 426 -10.39 -4.96 6.98
CA GLU A 426 -9.66 -3.84 7.57
C GLU A 426 -10.21 -2.51 7.10
N MET A 427 -10.45 -2.38 5.79
CA MET A 427 -11.05 -1.15 5.26
C MET A 427 -12.41 -0.88 5.88
N SER A 428 -13.24 -1.92 6.04
CA SER A 428 -14.54 -1.72 6.67
C SER A 428 -14.40 -1.18 8.08
N GLU A 429 -13.46 -1.73 8.85
CA GLU A 429 -13.20 -1.22 10.20
C GLU A 429 -12.84 0.26 10.17
N ILE A 430 -11.95 0.65 9.26
CA ILE A 430 -11.56 2.05 9.13
C ILE A 430 -12.77 2.92 8.80
N LEU A 431 -13.56 2.51 7.81
CA LEU A 431 -14.71 3.33 7.39
C LEU A 431 -15.76 3.42 8.49
N ARG A 432 -15.97 2.33 9.23
CA ARG A 432 -16.98 2.33 10.29
C ARG A 432 -16.56 3.21 11.46
N SER A 433 -15.26 3.44 11.63
CA SER A 433 -14.79 4.30 12.70
C SER A 433 -15.02 5.78 12.41
N LYS A 434 -15.28 6.15 11.15
CA LYS A 434 -15.49 7.55 10.80
C LYS A 434 -16.84 8.04 11.30
N GLY A 435 -16.87 9.28 11.78
CA GLY A 435 -18.09 9.90 12.25
C GLY A 435 -18.39 11.20 11.53
N GLU A 436 -19.10 12.10 12.19
CA GLU A 436 -19.49 13.35 11.53
C GLU A 436 -18.33 14.32 11.38
N GLU A 437 -17.17 14.04 12.01
CA GLU A 437 -15.98 14.83 11.79
C GLU A 437 -15.49 14.76 10.35
N LYS A 438 -15.95 13.78 9.56
CA LYS A 438 -15.56 13.72 8.17
C LYS A 438 -16.08 14.92 7.38
N PHE A 439 -17.04 15.65 7.92
CA PHE A 439 -17.62 16.81 7.25
C PHE A 439 -17.08 18.13 7.79
N ASP A 440 -16.24 18.09 8.83
CA ASP A 440 -15.70 19.30 9.43
C ASP A 440 -15.00 20.18 8.41
N GLU A 441 -14.14 19.58 7.56
CA GLU A 441 -13.37 20.39 6.61
C GLU A 441 -14.29 21.09 5.62
N MET A 442 -15.26 20.35 5.06
CA MET A 442 -16.20 20.95 4.12
C MET A 442 -16.95 22.11 4.75
N VAL A 443 -17.44 21.92 5.98
CA VAL A 443 -18.26 22.95 6.61
C VAL A 443 -17.42 24.19 6.87
N ALA A 444 -16.16 24.03 7.26
CA ALA A 444 -15.31 25.20 7.50
C ALA A 444 -15.02 25.94 6.20
N GLU A 445 -14.79 25.18 5.10
CA GLU A 445 -14.52 25.84 3.82
C GLU A 445 -15.76 26.55 3.29
N ILE A 446 -16.94 25.98 3.50
CA ILE A 446 -18.17 26.66 3.10
C ILE A 446 -18.32 27.95 3.89
N SER A 447 -18.10 27.88 5.20
CA SER A 447 -18.22 29.07 6.05
C SER A 447 -17.28 30.17 5.58
N LEU A 448 -16.02 29.83 5.32
CA LEU A 448 -15.07 30.85 4.86
C LEU A 448 -15.50 31.44 3.53
N LEU A 449 -15.90 30.57 2.59
CA LEU A 449 -16.29 31.05 1.27
C LEU A 449 -17.47 32.01 1.35
N LEU A 450 -18.48 31.68 2.15
CA LEU A 450 -19.64 32.56 2.23
C LEU A 450 -19.30 33.88 2.94
N LYS A 451 -18.35 33.86 3.88
CA LYS A 451 -17.97 35.11 4.55
C LYS A 451 -17.14 35.99 3.64
N ILE A 452 -16.30 35.39 2.80
CA ILE A 452 -15.58 36.17 1.80
C ILE A 452 -16.54 36.73 0.76
N GLU A 453 -17.48 35.90 0.29
CA GLU A 453 -18.40 36.35 -0.75
C GLU A 453 -19.35 37.43 -0.26
N HIS A 454 -19.72 37.39 1.03
CA HIS A 454 -20.60 38.43 1.58
C HIS A 454 -19.93 39.80 1.50
N HIS A 455 -18.63 39.87 1.73
CA HIS A 455 -17.91 41.14 1.56
C HIS A 455 -17.93 41.60 0.11
N HIS A 456 -17.72 40.67 -0.83
CA HIS A 456 -17.74 40.98 -2.25
C HIS A 456 -19.06 41.62 -2.67
N HIS A 457 -20.16 40.93 -2.37
CA HIS A 457 -21.46 41.37 -2.85
C HIS A 457 -21.77 42.78 -2.33
N HIS A 458 -21.34 43.08 -1.10
CA HIS A 458 -21.54 44.39 -0.51
C HIS A 458 -20.98 45.50 -1.40
N THR B 9 39.92 -3.18 -16.65
CA THR B 9 39.56 -3.58 -15.29
C THR B 9 39.50 -2.37 -14.35
N THR B 10 38.28 -1.99 -14.04
CA THR B 10 38.04 -0.93 -13.07
C THR B 10 38.19 -1.48 -11.65
N THR B 11 38.89 -0.74 -10.79
CA THR B 11 39.11 -1.14 -9.41
C THR B 11 38.22 -0.33 -8.48
N ILE B 12 37.63 -1.00 -7.49
CA ILE B 12 36.74 -0.36 -6.54
C ILE B 12 37.22 -0.73 -5.15
N LEU B 13 37.35 0.26 -4.28
CA LEU B 13 37.57 -0.04 -2.87
C LEU B 13 36.26 0.15 -2.12
N MET B 14 35.93 -0.80 -1.26
CA MET B 14 34.69 -0.78 -0.50
C MET B 14 34.99 -0.64 0.98
N LEU B 15 34.28 0.27 1.64
CA LEU B 15 34.49 0.55 3.07
C LEU B 15 33.17 0.46 3.82
N PRO B 16 32.81 -0.72 4.31
CA PRO B 16 31.62 -0.85 5.16
C PRO B 16 31.85 -0.23 6.53
N TRP B 17 30.75 0.11 7.19
CA TRP B 17 30.82 0.35 8.63
C TRP B 17 31.17 -0.97 9.35
N LEU B 18 31.65 -0.84 10.58
CA LEU B 18 32.27 -1.96 11.27
C LEU B 18 31.29 -2.92 11.93
N GLY B 19 30.14 -3.15 11.32
CA GLY B 19 29.15 -4.07 11.84
C GLY B 19 29.00 -5.26 10.90
N TYR B 20 28.72 -6.43 11.49
CA TYR B 20 28.64 -7.65 10.68
C TYR B 20 27.58 -7.55 9.59
N GLY B 21 26.45 -6.93 9.90
CA GLY B 21 25.40 -6.77 8.90
C GLY B 21 25.86 -5.91 7.76
N HIS B 22 26.62 -4.87 8.07
CA HIS B 22 27.14 -3.99 7.03
C HIS B 22 28.19 -4.69 6.20
N LEU B 23 29.13 -5.35 6.88
CA LEU B 23 30.11 -6.16 6.16
C LEU B 23 29.45 -7.16 5.22
N SER B 24 28.42 -7.87 5.70
N SER B 24 28.42 -7.86 5.69
CA SER B 24 27.78 -8.92 4.91
CA SER B 24 27.79 -8.91 4.91
C SER B 24 27.18 -8.35 3.63
C SER B 24 27.17 -8.35 3.64
N ALA B 25 26.45 -7.23 3.76
CA ALA B 25 25.82 -6.64 2.58
C ALA B 25 26.85 -6.12 1.60
N PHE B 26 27.91 -5.49 2.11
CA PHE B 26 28.97 -5.01 1.22
C PHE B 26 29.65 -6.16 0.52
N LEU B 27 29.86 -7.29 1.21
CA LEU B 27 30.50 -8.43 0.56
C LEU B 27 29.62 -8.99 -0.55
N GLU B 28 28.31 -9.09 -0.33
CA GLU B 28 27.44 -9.58 -1.39
C GLU B 28 27.47 -8.65 -2.60
N LEU B 29 27.56 -7.33 -2.35
CA LEU B 29 27.70 -6.38 -3.45
C LEU B 29 29.05 -6.54 -4.14
N ALA B 30 30.11 -6.77 -3.35
CA ALA B 30 31.42 -7.02 -3.94
C ALA B 30 31.38 -8.23 -4.87
N LYS B 31 30.70 -9.31 -4.46
CA LYS B 31 30.60 -10.49 -5.31
C LYS B 31 29.92 -10.15 -6.62
N SER B 32 28.86 -9.33 -6.57
CA SER B 32 28.13 -9.01 -7.79
C SER B 32 28.99 -8.17 -8.72
N LEU B 33 29.78 -7.27 -8.15
CA LEU B 33 30.64 -6.42 -8.96
C LEU B 33 31.80 -7.22 -9.55
N SER B 34 32.31 -8.22 -8.81
CA SER B 34 33.37 -9.07 -9.31
C SER B 34 32.90 -9.85 -10.55
N ARG B 35 31.63 -10.25 -10.57
CA ARG B 35 31.09 -10.95 -11.74
C ARG B 35 30.95 -10.04 -12.95
N ARG B 36 30.94 -8.71 -12.75
CA ARG B 36 30.96 -7.77 -13.86
C ARG B 36 32.37 -7.29 -14.18
N ASN B 37 33.37 -8.04 -13.71
CA ASN B 37 34.79 -7.86 -14.05
C ASN B 37 35.38 -6.59 -13.45
N PHE B 38 34.80 -6.10 -12.37
CA PHE B 38 35.48 -5.16 -11.49
C PHE B 38 36.43 -5.92 -10.57
N HIS B 39 37.50 -5.25 -10.16
CA HIS B 39 38.40 -5.73 -9.12
C HIS B 39 38.08 -4.98 -7.84
N ILE B 40 37.91 -5.70 -6.73
CA ILE B 40 37.43 -5.12 -5.48
C ILE B 40 38.51 -5.21 -4.41
N TYR B 41 38.82 -4.08 -3.79
CA TYR B 41 39.56 -4.03 -2.52
C TYR B 41 38.51 -3.88 -1.42
N PHE B 42 38.48 -4.85 -0.51
CA PHE B 42 37.46 -4.88 0.54
C PHE B 42 38.14 -4.54 1.86
N CYS B 43 37.80 -3.37 2.42
CA CYS B 43 38.60 -2.74 3.47
C CYS B 43 37.84 -2.74 4.79
N SER B 44 38.42 -3.36 5.83
CA SER B 44 37.83 -3.29 7.17
C SER B 44 38.87 -3.67 8.21
N THR B 45 38.46 -3.66 9.47
CA THR B 45 39.39 -4.05 10.54
C THR B 45 39.63 -5.55 10.52
N SER B 46 40.77 -5.96 11.08
CA SER B 46 41.16 -7.37 11.01
C SER B 46 40.10 -8.29 11.60
N VAL B 47 39.50 -7.92 12.74
CA VAL B 47 38.52 -8.80 13.37
C VAL B 47 37.31 -8.98 12.46
N ASN B 48 36.95 -7.92 11.74
CA ASN B 48 35.81 -8.00 10.83
C ASN B 48 36.17 -8.81 9.60
N LEU B 49 37.40 -8.63 9.08
CA LEU B 49 37.80 -9.42 7.92
C LEU B 49 37.85 -10.91 8.27
N ASP B 50 38.28 -11.23 9.50
CA ASP B 50 38.29 -12.62 9.94
C ASP B 50 36.89 -13.21 9.96
N ALA B 51 35.91 -12.42 10.39
CA ALA B 51 34.53 -12.91 10.49
C ALA B 51 33.92 -13.14 9.12
N ILE B 52 34.33 -12.35 8.13
CA ILE B 52 33.71 -12.38 6.81
C ILE B 52 34.46 -13.29 5.83
N LYS B 53 35.72 -13.60 6.09
CA LYS B 53 36.49 -14.40 5.13
C LYS B 53 35.86 -15.76 4.82
N PRO B 54 35.28 -16.49 5.78
CA PRO B 54 34.63 -17.78 5.42
C PRO B 54 33.47 -17.62 4.47
N LYS B 55 32.94 -16.41 4.29
CA LYS B 55 31.82 -16.21 3.41
C LYS B 55 32.22 -15.93 1.98
N LEU B 56 33.52 -15.83 1.70
CA LEU B 56 33.98 -15.55 0.35
C LEU B 56 34.56 -16.80 -0.30
N PRO B 57 33.87 -17.43 -1.24
CA PRO B 57 34.44 -18.63 -1.88
C PRO B 57 35.77 -18.30 -2.54
N SER B 58 36.67 -19.30 -2.57
CA SER B 58 37.99 -19.07 -3.13
C SER B 58 37.96 -18.74 -4.62
N SER B 59 36.84 -19.01 -5.31
CA SER B 59 36.74 -18.61 -6.71
C SER B 59 36.82 -17.10 -6.89
N PHE B 60 36.59 -16.34 -5.83
CA PHE B 60 36.70 -14.88 -5.85
C PHE B 60 38.08 -14.37 -5.46
N SER B 61 39.03 -15.25 -5.14
CA SER B 61 40.30 -14.83 -4.54
C SER B 61 41.05 -13.83 -5.41
N ASP B 62 40.96 -13.95 -6.73
CA ASP B 62 41.70 -13.08 -7.63
C ASP B 62 41.06 -11.70 -7.81
N SER B 63 39.75 -11.59 -7.55
CA SER B 63 39.04 -10.37 -7.86
C SER B 63 38.51 -9.63 -6.64
N ILE B 64 38.54 -10.24 -5.45
CA ILE B 64 38.18 -9.55 -4.23
C ILE B 64 39.33 -9.76 -3.25
N GLN B 65 40.01 -8.68 -2.90
CA GLN B 65 41.18 -8.71 -2.02
C GLN B 65 40.89 -7.94 -0.74
N PHE B 66 41.18 -8.57 0.39
CA PHE B 66 40.92 -7.92 1.68
C PHE B 66 42.07 -6.99 2.05
N VAL B 67 41.71 -5.81 2.57
CA VAL B 67 42.65 -4.75 2.94
C VAL B 67 42.40 -4.40 4.39
N GLU B 68 43.42 -4.51 5.23
CA GLU B 68 43.25 -4.26 6.65
C GLU B 68 43.36 -2.78 6.97
N LEU B 69 42.29 -2.23 7.56
CA LEU B 69 42.30 -0.89 8.13
C LEU B 69 42.67 -0.97 9.61
N HIS B 70 43.57 -0.08 10.05
CA HIS B 70 44.01 -0.09 11.44
C HIS B 70 43.39 1.08 12.21
N LEU B 71 42.76 0.77 13.31
CA LEU B 71 42.27 1.78 14.22
C LEU B 71 43.29 2.01 15.33
N PRO B 72 43.24 3.16 16.00
CA PRO B 72 44.03 3.31 17.22
C PRO B 72 43.74 2.18 18.18
N SER B 73 44.77 1.69 18.85
CA SER B 73 44.61 0.51 19.67
C SER B 73 45.29 0.75 21.02
N SER B 74 44.70 0.18 22.06
CA SER B 74 45.30 0.18 23.39
C SER B 74 44.81 -1.08 24.08
N PRO B 75 45.46 -1.49 25.17
CA PRO B 75 45.09 -2.79 25.78
C PRO B 75 43.66 -2.86 26.24
N GLU B 76 43.04 -1.75 26.62
CA GLU B 76 41.64 -1.79 27.02
C GLU B 76 40.67 -1.70 25.84
N PHE B 77 41.15 -1.36 24.63
CA PHE B 77 40.33 -1.40 23.42
C PHE B 77 41.19 -1.88 22.27
N PRO B 78 41.51 -3.17 22.27
CA PRO B 78 42.48 -3.71 21.31
C PRO B 78 41.76 -4.19 20.05
N PRO B 79 42.50 -4.65 19.03
CA PRO B 79 41.87 -4.92 17.73
C PRO B 79 40.79 -5.99 17.74
N HIS B 80 40.82 -6.95 18.66
CA HIS B 80 39.75 -7.94 18.61
C HIS B 80 38.40 -7.36 19.02
N LEU B 81 38.34 -6.14 19.53
CA LEU B 81 37.08 -5.48 19.85
C LEU B 81 36.66 -4.45 18.80
N HIS B 82 37.35 -4.39 17.66
CA HIS B 82 37.11 -3.30 16.71
C HIS B 82 36.00 -3.68 15.73
N THR B 83 34.84 -4.00 16.29
CA THR B 83 33.65 -4.42 15.56
C THR B 83 32.46 -4.26 16.49
N THR B 84 31.27 -4.04 15.92
CA THR B 84 30.08 -4.02 16.77
C THR B 84 29.62 -5.41 17.15
N ASN B 85 30.16 -6.44 16.52
CA ASN B 85 29.64 -7.80 16.66
C ASN B 85 29.93 -8.30 18.07
N GLY B 86 28.89 -8.41 18.88
CA GLY B 86 29.06 -8.82 20.26
C GLY B 86 29.68 -7.77 21.16
N LEU B 87 29.80 -6.54 20.68
CA LEU B 87 30.46 -5.52 21.47
C LEU B 87 29.58 -5.10 22.64
N PRO B 88 30.16 -4.94 23.83
CA PRO B 88 29.41 -4.30 24.92
C PRO B 88 28.88 -2.96 24.46
N PRO B 89 27.57 -2.71 24.63
CA PRO B 89 27.01 -1.47 24.10
C PRO B 89 27.68 -0.22 24.62
N THR B 90 28.23 -0.26 25.84
CA THR B 90 28.91 0.93 26.35
C THR B 90 30.23 1.22 25.66
N LEU B 91 30.73 0.32 24.80
CA LEU B 91 31.91 0.60 23.98
C LEU B 91 31.57 1.14 22.60
N MET B 92 30.28 1.24 22.24
CA MET B 92 29.94 1.82 20.94
C MET B 92 30.49 3.23 20.73
N PRO B 93 30.41 4.15 21.70
CA PRO B 93 31.04 5.47 21.45
C PRO B 93 32.53 5.36 21.16
N ALA B 94 33.25 4.50 21.88
CA ALA B 94 34.67 4.32 21.61
C ALA B 94 34.91 3.79 20.20
N LEU B 95 34.07 2.83 19.76
CA LEU B 95 34.26 2.29 18.43
C LEU B 95 34.07 3.36 17.35
N HIS B 96 33.00 4.16 17.48
CA HIS B 96 32.76 5.22 16.50
C HIS B 96 33.92 6.20 16.48
N GLN B 97 34.42 6.57 17.66
CA GLN B 97 35.53 7.51 17.73
C GLN B 97 36.79 6.92 17.11
N ALA B 98 37.13 5.68 17.46
CA ALA B 98 38.29 5.03 16.88
C ALA B 98 38.18 4.91 15.36
N PHE B 99 36.98 4.58 14.85
CA PHE B 99 36.80 4.51 13.39
C PHE B 99 37.11 5.84 12.73
N SER B 100 36.65 6.94 13.33
CA SER B 100 36.90 8.24 12.72
C SER B 100 38.39 8.59 12.72
N MET B 101 39.13 8.06 13.68
CA MET B 101 40.57 8.26 13.76
C MET B 101 41.36 7.39 12.80
N ALA B 102 40.70 6.49 12.07
CA ALA B 102 41.38 5.71 11.05
C ALA B 102 41.49 6.45 9.73
N ALA B 103 41.07 7.72 9.67
CA ALA B 103 41.01 8.44 8.40
C ALA B 103 42.40 8.59 7.78
N GLN B 104 43.42 8.82 8.61
CA GLN B 104 44.76 8.98 8.06
C GLN B 104 45.27 7.68 7.47
N HIS B 105 45.05 6.53 8.15
CA HIS B 105 45.46 5.27 7.55
C HIS B 105 44.69 5.03 6.26
N PHE B 106 43.39 5.32 6.27
CA PHE B 106 42.58 5.18 5.08
C PHE B 106 43.13 6.01 3.93
N GLU B 107 43.52 7.26 4.22
CA GLU B 107 44.12 8.09 3.18
C GLU B 107 45.35 7.42 2.55
N SER B 108 46.24 6.86 3.38
CA SER B 108 47.44 6.25 2.78
C SER B 108 47.11 4.97 2.01
N ILE B 109 46.09 4.21 2.43
CA ILE B 109 45.62 3.09 1.63
C ILE B 109 45.17 3.58 0.25
N LEU B 110 44.34 4.63 0.23
CA LEU B 110 43.83 5.11 -1.04
C LEU B 110 44.94 5.70 -1.90
N GLN B 111 45.90 6.37 -1.27
CA GLN B 111 47.04 6.88 -2.02
C GLN B 111 47.83 5.75 -2.67
N THR B 112 48.00 4.65 -1.94
CA THR B 112 48.77 3.52 -2.46
C THR B 112 48.02 2.74 -3.52
N LEU B 113 46.76 2.38 -3.24
CA LEU B 113 46.01 1.53 -4.15
C LEU B 113 45.43 2.30 -5.34
N ALA B 114 45.16 3.60 -5.16
CA ALA B 114 44.59 4.45 -6.20
C ALA B 114 43.41 3.80 -6.92
N PRO B 115 42.39 3.34 -6.19
CA PRO B 115 41.23 2.74 -6.84
C PRO B 115 40.52 3.77 -7.71
N HIS B 116 39.79 3.27 -8.70
CA HIS B 116 39.01 4.15 -9.55
C HIS B 116 37.75 4.67 -8.89
N LEU B 117 37.26 3.97 -7.86
CA LEU B 117 36.00 4.30 -7.23
C LEU B 117 36.07 3.84 -5.78
N LEU B 118 35.51 4.66 -4.88
CA LEU B 118 35.24 4.27 -3.50
C LEU B 118 33.75 4.06 -3.33
N ILE B 119 33.36 2.96 -2.68
CA ILE B 119 31.99 2.73 -2.23
C ILE B 119 32.01 2.65 -0.70
N TYR B 120 31.27 3.56 -0.05
CA TYR B 120 31.39 3.76 1.40
C TYR B 120 30.01 3.75 2.06
N ASP B 121 30.02 3.37 3.33
CA ASP B 121 28.83 3.26 4.17
C ASP B 121 28.50 4.62 4.77
N SER B 122 27.35 4.70 5.44
CA SER B 122 26.80 5.99 5.87
C SER B 122 27.14 6.36 7.30
N LEU B 123 28.24 5.84 7.85
CA LEU B 123 28.66 6.19 9.20
C LEU B 123 30.08 6.75 9.21
N GLN B 124 30.52 7.33 8.09
CA GLN B 124 31.92 7.70 7.93
C GLN B 124 32.04 8.86 6.95
N PRO B 125 31.61 10.06 7.36
CA PRO B 125 31.74 11.23 6.49
C PRO B 125 33.18 11.50 6.05
N TRP B 126 34.15 11.11 6.88
CA TRP B 126 35.55 11.31 6.51
C TRP B 126 35.94 10.53 5.28
N ALA B 127 35.23 9.44 4.95
CA ALA B 127 35.67 8.63 3.80
C ALA B 127 35.46 9.35 2.47
N PRO B 128 34.28 9.88 2.14
CA PRO B 128 34.19 10.66 0.89
C PRO B 128 35.06 11.91 0.89
N ARG B 129 35.32 12.50 2.07
CA ARG B 129 36.22 13.66 2.15
C ARG B 129 37.63 13.27 1.72
N VAL B 130 38.15 12.17 2.27
CA VAL B 130 39.48 11.69 1.89
C VAL B 130 39.51 11.36 0.41
N ALA B 131 38.51 10.62 -0.07
CA ALA B 131 38.49 10.24 -1.48
C ALA B 131 38.54 11.48 -2.38
N SER B 132 37.76 12.51 -2.05
CA SER B 132 37.73 13.66 -2.95
C SER B 132 39.06 14.40 -2.95
N SER B 133 39.74 14.44 -1.80
CA SER B 133 41.07 15.05 -1.75
C SER B 133 42.07 14.32 -2.65
N LEU B 134 41.83 13.04 -2.96
CA LEU B 134 42.68 12.27 -3.85
C LEU B 134 42.09 12.15 -5.25
N LYS B 135 41.01 12.87 -5.53
CA LYS B 135 40.33 12.88 -6.83
C LYS B 135 39.78 11.51 -7.18
N ILE B 136 39.33 10.77 -6.18
CA ILE B 136 38.71 9.46 -6.36
C ILE B 136 37.21 9.63 -6.19
N PRO B 137 36.40 9.38 -7.22
CA PRO B 137 34.94 9.45 -7.07
C PRO B 137 34.48 8.45 -6.01
N ALA B 138 33.39 8.80 -5.32
CA ALA B 138 32.94 8.01 -4.19
C ALA B 138 31.41 7.95 -4.18
N ILE B 139 30.87 6.76 -4.01
CA ILE B 139 29.42 6.53 -3.97
C ILE B 139 29.06 5.90 -2.64
N ASN B 140 27.94 6.35 -2.08
CA ASN B 140 27.42 5.86 -0.81
C ASN B 140 26.54 4.64 -1.07
N PHE B 141 26.79 3.56 -0.34
CA PHE B 141 25.95 2.37 -0.36
C PHE B 141 25.32 2.19 1.01
N ASN B 142 23.99 2.14 1.04
CA ASN B 142 23.23 1.98 2.27
C ASN B 142 22.77 0.54 2.42
N THR B 143 23.05 -0.05 3.58
CA THR B 143 22.65 -1.43 3.85
C THR B 143 21.32 -1.52 4.57
N THR B 144 20.72 -0.39 4.90
N THR B 144 20.72 -0.39 4.93
CA THR B 144 19.35 -0.33 5.38
CA THR B 144 19.35 -0.36 5.40
C THR B 144 18.38 -0.40 4.20
C THR B 144 18.39 -0.37 4.21
N GLY B 145 17.09 -0.41 4.51
CA GLY B 145 16.09 -0.16 3.50
C GLY B 145 15.92 1.33 3.28
N VAL B 146 14.98 1.65 2.41
CA VAL B 146 14.76 3.05 2.00
C VAL B 146 13.84 3.76 2.97
N PHE B 147 12.86 3.03 3.51
CA PHE B 147 11.77 3.63 4.28
C PHE B 147 12.29 4.43 5.46
N VAL B 148 13.22 3.86 6.22
CA VAL B 148 13.75 4.55 7.40
C VAL B 148 14.50 5.82 7.00
N ILE B 149 15.19 5.80 5.87
CA ILE B 149 15.93 6.99 5.43
C ILE B 149 14.94 8.08 5.03
N SER B 150 13.90 7.71 4.27
CA SER B 150 12.93 8.71 3.85
C SER B 150 12.16 9.26 5.05
N GLN B 151 11.88 8.43 6.05
CA GLN B 151 11.25 8.93 7.27
C GLN B 151 12.16 9.90 8.00
N GLY B 152 13.47 9.67 7.97
CA GLY B 152 14.36 10.59 8.66
C GLY B 152 14.51 11.90 7.93
N LEU B 153 14.50 11.86 6.59
CA LEU B 153 14.75 13.04 5.80
C LEU B 153 13.50 13.89 5.58
N HIS B 154 12.33 13.26 5.56
CA HIS B 154 11.08 13.97 5.29
C HIS B 154 10.86 15.19 6.17
N PRO B 155 10.99 15.11 7.51
CA PRO B 155 10.70 16.29 8.34
C PRO B 155 11.70 17.41 8.15
N ILE B 156 12.90 17.14 7.63
CA ILE B 156 13.87 18.20 7.38
C ILE B 156 13.34 19.16 6.33
N HIS B 157 12.71 18.62 5.27
CA HIS B 157 12.21 19.41 4.17
C HIS B 157 10.75 19.83 4.37
N TYR B 158 9.95 19.01 5.04
CA TYR B 158 8.51 19.23 5.15
C TYR B 158 8.09 19.00 6.59
N PRO B 159 8.51 19.89 7.50
CA PRO B 159 8.20 19.68 8.92
C PRO B 159 6.72 19.75 9.25
N HIS B 160 5.90 20.37 8.38
CA HIS B 160 4.49 20.56 8.66
C HIS B 160 3.59 19.69 7.78
N SER B 161 4.16 18.75 7.04
CA SER B 161 3.37 17.80 6.28
C SER B 161 3.57 16.39 6.83
N LYS B 162 2.50 15.60 6.75
CA LYS B 162 2.57 14.20 7.12
C LYS B 162 3.39 13.43 6.09
N PHE B 163 4.11 12.42 6.56
CA PHE B 163 4.87 11.57 5.66
C PHE B 163 3.93 10.92 4.64
N PRO B 164 4.27 10.93 3.36
CA PRO B 164 3.33 10.41 2.35
C PRO B 164 3.29 8.89 2.32
N PHE B 165 2.21 8.38 1.73
CA PHE B 165 2.06 6.98 1.33
C PHE B 165 1.87 5.98 2.46
N SER B 166 2.31 6.30 3.68
CA SER B 166 2.27 5.31 4.74
C SER B 166 1.37 5.78 5.88
N GLU B 167 0.71 4.82 6.51
CA GLU B 167 0.00 5.03 7.76
C GLU B 167 0.83 4.56 8.96
N PHE B 168 2.11 4.28 8.77
CA PHE B 168 2.97 3.87 9.88
C PHE B 168 3.05 4.99 10.91
N VAL B 169 2.92 4.62 12.18
CA VAL B 169 3.17 5.55 13.27
C VAL B 169 4.21 4.94 14.21
N LEU B 170 5.22 5.73 14.56
CA LEU B 170 6.29 5.26 15.42
C LEU B 170 5.80 5.27 16.87
N HIS B 171 5.88 4.12 17.54
CA HIS B 171 5.47 4.02 18.93
C HIS B 171 6.24 5.02 19.80
N ASN B 172 5.58 5.53 20.84
CA ASN B 172 6.19 6.52 21.72
C ASN B 172 7.50 6.05 22.31
N HIS B 173 7.66 4.74 22.49
CA HIS B 173 8.89 4.20 23.08
C HIS B 173 10.12 4.67 22.33
N TRP B 174 10.05 4.70 21.00
CA TRP B 174 11.23 5.05 20.21
C TRP B 174 11.36 6.55 19.96
N LYS B 175 10.27 7.30 20.00
CA LYS B 175 10.41 8.75 19.93
C LYS B 175 11.13 9.28 21.17
N ALA B 176 10.81 8.72 22.34
CA ALA B 176 11.52 9.08 23.57
C ALA B 176 13.01 8.77 23.45
N MET B 177 13.35 7.62 22.88
CA MET B 177 14.75 7.26 22.64
C MET B 177 15.36 8.17 21.57
N GLU B 187 22.37 14.76 21.47
CA GLU B 187 23.65 15.32 21.02
C GLU B 187 24.43 14.31 20.21
N ARG B 188 24.63 13.11 20.78
CA ARG B 188 25.25 12.03 20.02
C ARG B 188 24.40 11.66 18.82
N THR B 189 23.07 11.70 18.98
CA THR B 189 22.18 11.41 17.87
C THR B 189 22.13 12.56 16.87
N ARG B 190 22.28 13.80 17.34
CA ARG B 190 22.28 14.94 16.43
C ARG B 190 23.52 14.95 15.55
N LYS B 191 24.69 14.69 16.13
CA LYS B 191 25.91 14.61 15.32
C LYS B 191 25.90 13.40 14.41
N ARG B 192 25.36 12.26 14.89
CA ARG B 192 25.23 11.09 14.04
C ARG B 192 24.29 11.36 12.87
N GLY B 193 23.25 12.16 13.09
CA GLY B 193 22.31 12.45 12.01
C GLY B 193 22.90 13.32 10.93
N GLU B 194 23.61 14.38 11.32
CA GLU B 194 24.27 15.23 10.33
C GLU B 194 25.41 14.48 9.63
N ALA B 195 26.06 13.54 10.32
CA ALA B 195 27.06 12.71 9.65
C ALA B 195 26.40 11.80 8.61
N PHE B 196 25.29 11.18 8.97
CA PHE B 196 24.53 10.37 8.04
C PHE B 196 24.13 11.19 6.82
N LEU B 197 23.58 12.38 7.04
CA LEU B 197 23.12 13.19 5.92
C LEU B 197 24.28 13.61 5.02
N TYR B 198 25.45 13.90 5.61
CA TYR B 198 26.60 14.23 4.78
C TYR B 198 26.98 13.06 3.88
N CYS B 199 26.99 11.83 4.42
CA CYS B 199 27.30 10.66 3.60
C CYS B 199 26.39 10.55 2.39
N LEU B 200 25.10 10.83 2.59
CA LEU B 200 24.16 10.81 1.46
C LEU B 200 24.41 11.96 0.50
N HIS B 201 24.52 13.18 1.02
CA HIS B 201 24.65 14.34 0.14
C HIS B 201 25.98 14.35 -0.60
N ALA B 202 27.04 13.82 0.01
CA ALA B 202 28.37 13.87 -0.59
C ALA B 202 28.54 12.81 -1.66
N SER B 203 27.62 11.86 -1.77
CA SER B 203 27.77 10.79 -2.74
C SER B 203 27.73 11.34 -4.16
N CYS B 204 28.61 10.80 -4.99
CA CYS B 204 28.72 11.22 -6.39
C CYS B 204 27.54 10.68 -7.19
N SER B 205 26.68 11.60 -7.65
CA SER B 205 25.65 11.37 -8.68
C SER B 205 24.45 10.56 -8.20
N VAL B 206 24.67 9.45 -7.50
CA VAL B 206 23.61 8.54 -7.05
C VAL B 206 23.95 8.06 -5.65
N ILE B 207 22.97 7.42 -5.01
CA ILE B 207 23.28 6.54 -3.88
C ILE B 207 22.78 5.15 -4.23
N LEU B 208 23.39 4.15 -3.60
CA LEU B 208 23.00 2.76 -3.77
C LEU B 208 22.36 2.27 -2.48
N ILE B 209 21.36 1.40 -2.60
CA ILE B 209 20.65 0.93 -1.42
C ILE B 209 20.23 -0.52 -1.60
N ASN B 210 20.31 -1.29 -0.51
CA ASN B 210 19.94 -2.71 -0.57
C ASN B 210 18.44 -2.86 -0.41
N SER B 211 17.73 -2.54 -1.47
CA SER B 211 16.29 -2.72 -1.49
C SER B 211 15.86 -3.03 -2.90
N PHE B 212 14.55 -3.13 -3.10
CA PHE B 212 14.03 -3.42 -4.43
C PHE B 212 12.65 -2.79 -4.59
N ARG B 213 12.28 -2.49 -5.83
CA ARG B 213 11.13 -1.63 -6.11
C ARG B 213 9.79 -2.26 -5.73
N GLU B 214 9.64 -3.58 -5.86
CA GLU B 214 8.37 -4.20 -5.48
C GLU B 214 8.03 -3.93 -4.02
N LEU B 215 9.03 -3.72 -3.17
CA LEU B 215 8.83 -3.46 -1.77
C LEU B 215 8.86 -1.98 -1.42
N GLU B 216 9.75 -1.18 -2.04
CA GLU B 216 9.96 0.19 -1.58
C GLU B 216 10.01 1.21 -2.72
N GLY B 217 9.49 0.87 -3.90
CA GLY B 217 9.62 1.76 -5.05
C GLY B 217 9.15 3.17 -4.78
N LYS B 218 7.97 3.31 -4.15
CA LYS B 218 7.46 4.66 -3.95
C LYS B 218 8.30 5.45 -2.97
N TYR B 219 8.94 4.76 -2.02
CA TYR B 219 9.82 5.44 -1.09
C TYR B 219 11.15 5.82 -1.74
N MET B 220 11.66 4.97 -2.62
CA MET B 220 12.84 5.31 -3.40
C MET B 220 12.60 6.56 -4.22
N ASP B 221 11.44 6.61 -4.89
CA ASP B 221 11.12 7.76 -5.73
C ASP B 221 11.04 9.04 -4.90
N TYR B 222 10.48 8.96 -3.71
CA TYR B 222 10.38 10.12 -2.84
C TYR B 222 11.75 10.54 -2.30
N LEU B 223 12.54 9.56 -1.84
CA LEU B 223 13.89 9.87 -1.38
C LEU B 223 14.72 10.50 -2.49
N SER B 224 14.55 10.06 -3.74
CA SER B 224 15.31 10.65 -4.84
C SER B 224 14.98 12.12 -5.01
N VAL B 225 13.73 12.49 -4.75
CA VAL B 225 13.32 13.89 -4.80
C VAL B 225 13.93 14.67 -3.64
N LEU B 226 13.86 14.09 -2.43
CA LEU B 226 14.41 14.75 -1.25
C LEU B 226 15.91 15.01 -1.40
N LEU B 227 16.65 14.06 -1.97
CA LEU B 227 18.09 14.19 -2.13
C LEU B 227 18.51 14.88 -3.42
N ASN B 228 17.58 15.06 -4.35
CA ASN B 228 17.90 15.56 -5.70
C ASN B 228 18.98 14.71 -6.36
N LYS B 229 18.87 13.39 -6.22
CA LYS B 229 19.77 12.46 -6.89
C LYS B 229 19.09 11.10 -6.91
N LYS B 230 19.49 10.26 -7.87
CA LYS B 230 18.84 8.98 -8.05
C LYS B 230 19.22 7.99 -6.95
N VAL B 231 18.21 7.37 -6.35
CA VAL B 231 18.38 6.26 -5.42
C VAL B 231 18.35 4.98 -6.25
N VAL B 232 19.48 4.28 -6.29
CA VAL B 232 19.63 3.11 -7.17
C VAL B 232 19.51 1.86 -6.30
N PRO B 233 18.46 1.06 -6.46
CA PRO B 233 18.38 -0.20 -5.72
C PRO B 233 19.33 -1.24 -6.28
N VAL B 234 19.94 -2.04 -5.39
CA VAL B 234 20.81 -3.14 -5.82
C VAL B 234 20.40 -4.41 -5.09
N GLY B 235 19.24 -4.39 -4.43
CA GLY B 235 18.81 -5.52 -3.65
C GLY B 235 17.81 -6.42 -4.37
N PRO B 236 17.47 -7.55 -3.74
CA PRO B 236 18.00 -7.92 -2.43
C PRO B 236 19.38 -8.57 -2.52
N LEU B 237 20.23 -8.24 -1.56
CA LEU B 237 21.56 -8.82 -1.43
C LEU B 237 21.47 -9.75 -0.23
N VAL B 238 21.50 -11.05 -0.48
CA VAL B 238 21.28 -12.06 0.55
C VAL B 238 22.39 -13.08 0.44
N TYR B 239 23.09 -13.32 1.55
CA TYR B 239 24.12 -14.36 1.58
C TYR B 239 23.48 -15.74 1.67
N GLU B 240 23.89 -16.63 0.80
CA GLU B 240 23.42 -18.02 0.87
C GLU B 240 24.62 -18.95 0.94
N PRO B 241 24.89 -19.59 2.07
CA PRO B 241 25.96 -20.57 2.11
C PRO B 241 25.51 -21.84 1.39
N ASN B 242 26.48 -22.72 1.16
CA ASN B 242 26.15 -24.05 0.64
C ASN B 242 25.42 -24.84 1.72
N GLN B 243 24.13 -25.12 1.48
CA GLN B 243 23.29 -25.72 2.51
C GLN B 243 23.81 -27.09 2.93
N ASP B 244 24.46 -27.80 2.02
CA ASP B 244 24.96 -29.13 2.33
C ASP B 244 26.48 -29.19 2.46
N GLY B 245 27.16 -28.05 2.42
CA GLY B 245 28.56 -28.02 2.79
C GLY B 245 28.76 -28.48 4.23
N GLU B 246 29.98 -28.88 4.54
CA GLU B 246 30.24 -29.36 5.89
C GLU B 246 30.18 -28.20 6.88
N ASP B 247 29.51 -28.46 8.00
CA ASP B 247 29.15 -27.44 8.97
C ASP B 247 28.70 -28.14 10.24
N GLU B 248 29.61 -28.30 11.21
CA GLU B 248 29.33 -29.12 12.38
C GLU B 248 28.17 -28.55 13.19
N GLY B 249 28.14 -27.23 13.36
CA GLY B 249 27.05 -26.62 14.12
C GLY B 249 25.70 -26.85 13.49
N TYR B 250 25.61 -26.68 12.17
CA TYR B 250 24.31 -26.87 11.54
C TYR B 250 23.89 -28.33 11.56
N SER B 251 24.84 -29.27 11.46
N SER B 251 24.84 -29.26 11.45
CA SER B 251 24.48 -30.68 11.40
CA SER B 251 24.50 -30.69 11.40
C SER B 251 23.67 -31.09 12.62
C SER B 251 23.69 -31.10 12.62
N SER B 252 24.11 -30.69 13.81
CA SER B 252 23.39 -31.09 15.02
C SER B 252 22.06 -30.37 15.13
N ILE B 253 21.98 -29.13 14.66
CA ILE B 253 20.70 -28.43 14.62
C ILE B 253 19.77 -29.09 13.60
N LYS B 254 20.32 -29.48 12.45
CA LYS B 254 19.49 -30.11 11.43
C LYS B 254 18.92 -31.44 11.92
N ASN B 255 19.70 -32.20 12.70
CA ASN B 255 19.20 -33.47 13.23
C ASN B 255 17.95 -33.26 14.08
N TRP B 256 17.92 -32.17 14.84
CA TRP B 256 16.75 -31.84 15.65
C TRP B 256 15.59 -31.37 14.78
N LEU B 257 15.86 -30.46 13.84
CA LEU B 257 14.81 -29.94 12.98
C LEU B 257 14.21 -31.04 12.10
N ASP B 258 15.02 -32.02 11.72
CA ASP B 258 14.59 -33.04 10.76
C ASP B 258 13.47 -33.92 11.29
N LYS B 259 13.20 -33.88 12.59
CA LYS B 259 12.13 -34.66 13.20
C LYS B 259 10.87 -33.88 13.47
N LYS B 260 10.86 -32.58 13.19
CA LYS B 260 9.70 -31.78 13.46
C LYS B 260 8.72 -31.87 12.30
N GLU B 261 7.51 -31.37 12.55
CA GLU B 261 6.54 -31.21 11.49
C GLU B 261 6.97 -30.06 10.57
N PRO B 262 6.59 -30.11 9.29
CA PRO B 262 6.91 -28.99 8.40
C PRO B 262 6.28 -27.69 8.90
N SER B 263 7.03 -26.59 8.69
CA SER B 263 6.60 -25.22 9.01
C SER B 263 6.08 -25.11 10.44
N SER B 264 6.73 -25.78 11.37
CA SER B 264 6.29 -25.81 12.76
C SER B 264 7.21 -25.07 13.72
N THR B 265 8.33 -24.52 13.26
CA THR B 265 9.39 -24.07 14.14
C THR B 265 9.68 -22.62 13.85
N VAL B 266 9.98 -21.85 14.90
CA VAL B 266 10.43 -20.47 14.71
C VAL B 266 11.91 -20.40 15.07
N PHE B 267 12.64 -19.61 14.30
CA PHE B 267 13.98 -19.18 14.66
C PHE B 267 13.88 -17.85 15.38
N VAL B 268 14.68 -17.68 16.43
CA VAL B 268 14.61 -16.48 17.26
C VAL B 268 16.00 -15.87 17.34
N SER B 269 16.14 -14.63 16.85
CA SER B 269 17.45 -13.98 16.86
C SER B 269 17.27 -12.48 16.92
N PHE B 270 18.19 -11.83 17.63
CA PHE B 270 18.21 -10.38 17.69
C PHE B 270 19.48 -9.80 17.05
N GLY B 271 20.04 -10.51 16.08
CA GLY B 271 21.10 -9.96 15.26
C GLY B 271 22.45 -10.05 15.95
N SER B 272 23.39 -9.24 15.45
CA SER B 272 24.78 -9.36 15.84
C SER B 272 25.25 -8.30 16.83
N GLU B 273 24.42 -7.29 17.12
CA GLU B 273 24.87 -6.17 17.95
C GLU B 273 23.79 -5.72 18.92
N TYR B 274 22.98 -6.65 19.43
CA TYR B 274 22.01 -6.28 20.45
C TYR B 274 21.91 -7.40 21.46
N PHE B 275 21.85 -7.02 22.73
CA PHE B 275 21.66 -7.98 23.83
C PHE B 275 20.39 -7.62 24.58
N PRO B 276 19.30 -8.36 24.39
CA PRO B 276 18.06 -8.03 25.11
C PRO B 276 18.27 -8.07 26.62
N SER B 277 17.56 -7.16 27.30
CA SER B 277 17.63 -7.06 28.75
C SER B 277 17.01 -8.29 29.40
N LYS B 278 17.23 -8.40 30.72
CA LYS B 278 16.62 -9.50 31.46
C LYS B 278 15.11 -9.49 31.31
N GLU B 279 14.48 -8.32 31.42
CA GLU B 279 13.04 -8.22 31.28
C GLU B 279 12.59 -8.59 29.87
N GLU B 280 13.35 -8.18 28.85
CA GLU B 280 12.97 -8.51 27.48
C GLU B 280 13.09 -10.01 27.23
N MET B 281 14.20 -10.61 27.65
CA MET B 281 14.35 -12.06 27.51
C MET B 281 13.22 -12.81 28.19
N GLU B 282 12.74 -12.31 29.33
CA GLU B 282 11.66 -12.99 30.05
C GLU B 282 10.35 -12.92 29.30
N GLU B 283 10.05 -11.78 28.66
CA GLU B 283 8.82 -11.71 27.87
C GLU B 283 8.90 -12.60 26.64
N ILE B 284 10.05 -12.62 25.96
CA ILE B 284 10.22 -13.50 24.81
C ILE B 284 10.07 -14.96 25.24
N ALA B 285 10.74 -15.32 26.34
CA ALA B 285 10.73 -16.71 26.81
C ALA B 285 9.31 -17.17 27.13
N HIS B 286 8.53 -16.34 27.83
CA HIS B 286 7.18 -16.77 28.18
C HIS B 286 6.25 -16.75 26.97
N GLY B 287 6.46 -15.82 26.04
CA GLY B 287 5.69 -15.84 24.79
C GLY B 287 5.92 -17.12 24.01
N LEU B 288 7.18 -17.54 23.89
CA LEU B 288 7.49 -18.80 23.23
C LEU B 288 6.82 -19.96 23.94
N GLU B 289 6.95 -20.00 25.27
CA GLU B 289 6.39 -21.08 26.08
C GLU B 289 4.88 -21.17 25.91
N ALA B 290 4.19 -20.02 26.01
CA ALA B 290 2.74 -20.02 25.92
C ALA B 290 2.27 -20.45 24.53
N SER B 291 3.03 -20.12 23.48
CA SER B 291 2.59 -20.46 22.13
C SER B 291 2.69 -21.95 21.84
N GLU B 292 3.56 -22.66 22.56
CA GLU B 292 3.83 -24.10 22.38
C GLU B 292 4.43 -24.42 21.01
N VAL B 293 5.06 -23.43 20.38
CA VAL B 293 5.75 -23.65 19.11
C VAL B 293 7.06 -24.37 19.36
N ASN B 294 7.59 -25.00 18.32
CA ASN B 294 9.00 -25.39 18.37
C ASN B 294 9.84 -24.14 18.13
N PHE B 295 10.99 -24.05 18.79
CA PHE B 295 11.82 -22.87 18.58
C PHE B 295 13.30 -23.19 18.68
N ILE B 296 14.09 -22.46 17.89
CA ILE B 296 15.53 -22.37 18.05
C ILE B 296 15.86 -20.93 18.36
N TRP B 297 16.54 -20.68 19.46
CA TRP B 297 16.77 -19.32 19.94
C TRP B 297 18.26 -19.11 20.18
N VAL B 298 18.83 -18.09 19.53
CA VAL B 298 20.24 -17.73 19.72
C VAL B 298 20.33 -16.75 20.88
N VAL B 299 21.05 -17.15 21.93
CA VAL B 299 21.30 -16.30 23.10
C VAL B 299 22.78 -15.98 23.13
N ARG B 300 23.11 -14.70 23.36
CA ARG B 300 24.49 -14.23 23.28
C ARG B 300 24.86 -13.46 24.53
N PHE B 301 26.16 -13.41 24.78
CA PHE B 301 26.76 -12.59 25.82
C PHE B 301 27.84 -11.71 25.22
N PRO B 302 28.03 -10.50 25.76
CA PRO B 302 29.01 -9.56 25.19
C PRO B 302 30.43 -10.10 25.23
N GLN B 303 31.24 -9.59 24.31
CA GLN B 303 32.59 -10.10 24.06
C GLN B 303 33.45 -10.27 25.32
N GLY B 304 33.22 -9.47 26.36
CA GLY B 304 34.06 -9.65 27.54
C GLY B 304 33.71 -10.85 28.39
N ASP B 305 32.53 -11.44 28.19
CA ASP B 305 31.94 -12.38 29.14
C ASP B 305 32.15 -13.80 28.65
N ASN B 306 33.13 -14.48 29.24
CA ASN B 306 33.45 -15.86 28.91
C ASN B 306 32.89 -16.87 29.89
N THR B 307 32.24 -16.42 30.97
CA THR B 307 31.77 -17.33 32.01
C THR B 307 30.28 -17.65 31.91
N SER B 308 29.46 -16.73 31.41
CA SER B 308 28.01 -16.96 31.40
C SER B 308 27.65 -18.08 30.44
N GLY B 309 26.66 -18.89 30.85
CA GLY B 309 26.07 -19.89 30.00
C GLY B 309 24.62 -19.53 29.75
N ILE B 310 23.99 -20.30 28.85
CA ILE B 310 22.65 -19.93 28.39
C ILE B 310 21.63 -20.00 29.51
N GLU B 311 21.86 -20.85 30.52
CA GLU B 311 20.90 -20.98 31.61
C GLU B 311 20.71 -19.68 32.37
N ASP B 312 21.77 -18.86 32.46
CA ASP B 312 21.69 -17.62 33.23
C ASP B 312 20.80 -16.57 32.55
N ALA B 313 20.75 -16.58 31.21
CA ALA B 313 19.98 -15.59 30.48
C ALA B 313 18.49 -15.90 30.42
N LEU B 314 18.09 -17.12 30.77
CA LEU B 314 16.69 -17.53 30.63
C LEU B 314 16.03 -17.70 31.99
N PRO B 315 14.71 -17.54 32.08
CA PRO B 315 14.02 -17.80 33.34
C PRO B 315 14.33 -19.19 33.88
N LYS B 316 14.25 -19.32 35.20
CA LYS B 316 14.56 -20.59 35.85
C LYS B 316 13.66 -21.70 35.33
N GLY B 317 14.28 -22.83 34.97
CA GLY B 317 13.54 -23.96 34.48
C GLY B 317 12.88 -23.78 33.14
N PHE B 318 13.28 -22.75 32.38
CA PHE B 318 12.65 -22.52 31.08
C PHE B 318 12.92 -23.67 30.12
N LEU B 319 14.17 -24.16 30.09
CA LEU B 319 14.52 -25.20 29.14
C LEU B 319 13.88 -26.54 29.48
N GLU B 320 13.68 -26.82 30.77
CA GLU B 320 12.99 -28.06 31.11
C GLU B 320 11.52 -27.99 30.74
N ARG B 321 10.86 -26.87 31.02
CA ARG B 321 9.45 -26.73 30.64
C ARG B 321 9.26 -26.82 29.13
N ALA B 322 10.25 -26.39 28.34
CA ALA B 322 10.09 -26.49 26.89
C ALA B 322 10.33 -27.90 26.38
N GLY B 323 11.22 -28.65 27.03
CA GLY B 323 11.49 -30.01 26.61
C GLY B 323 11.95 -30.07 25.17
N GLU B 324 11.41 -31.04 24.44
CA GLU B 324 11.81 -31.25 23.05
C GLU B 324 11.39 -30.10 22.14
N ARG B 325 10.47 -29.23 22.57
CA ARG B 325 10.03 -28.15 21.70
C ARG B 325 11.08 -27.08 21.53
N GLY B 326 12.04 -26.98 22.43
CA GLY B 326 12.95 -25.85 22.48
C GLY B 326 14.41 -26.24 22.32
N MET B 327 15.16 -25.40 21.61
CA MET B 327 16.60 -25.50 21.59
C MET B 327 17.16 -24.10 21.72
N VAL B 328 18.13 -23.91 22.61
CA VAL B 328 18.81 -22.63 22.75
C VAL B 328 20.26 -22.83 22.34
N VAL B 329 20.73 -21.97 21.46
CA VAL B 329 22.09 -22.04 20.90
C VAL B 329 22.85 -20.83 21.43
N LYS B 330 24.07 -21.04 21.91
CA LYS B 330 24.88 -19.95 22.45
C LYS B 330 25.73 -19.29 21.38
N GLY B 331 25.73 -17.97 21.37
CA GLY B 331 26.68 -17.21 20.57
C GLY B 331 26.26 -16.91 19.14
N TRP B 332 26.07 -17.94 18.33
CA TRP B 332 25.90 -17.74 16.88
C TRP B 332 25.26 -18.98 16.30
N ALA B 333 24.35 -18.79 15.36
CA ALA B 333 23.67 -19.89 14.72
C ALA B 333 23.74 -19.72 13.22
N PRO B 334 23.59 -20.79 12.45
CA PRO B 334 23.55 -20.71 10.97
C PRO B 334 22.18 -20.26 10.48
N GLN B 335 21.98 -18.93 10.51
CA GLN B 335 20.65 -18.36 10.34
C GLN B 335 20.05 -18.70 8.99
N ALA B 336 20.82 -18.51 7.91
CA ALA B 336 20.30 -18.78 6.58
C ALA B 336 19.94 -20.25 6.42
N LYS B 337 20.77 -21.15 6.94
CA LYS B 337 20.47 -22.57 6.76
C LYS B 337 19.22 -22.96 7.53
N ILE B 338 19.04 -22.40 8.73
CA ILE B 338 17.85 -22.71 9.53
C ILE B 338 16.61 -22.16 8.84
N LEU B 339 16.67 -20.91 8.37
CA LEU B 339 15.52 -20.31 7.70
C LEU B 339 15.11 -21.11 6.46
N LYS B 340 16.05 -21.76 5.79
CA LYS B 340 15.76 -22.51 4.58
C LYS B 340 15.29 -23.94 4.87
N HIS B 341 15.46 -24.41 6.10
CA HIS B 341 14.97 -25.75 6.45
C HIS B 341 13.44 -25.80 6.40
N TRP B 342 12.92 -26.90 5.83
CA TRP B 342 11.48 -27.04 5.66
C TRP B 342 10.70 -27.03 6.97
N SER B 343 11.35 -27.26 8.12
CA SER B 343 10.62 -27.18 9.39
C SER B 343 10.34 -25.75 9.83
N THR B 344 11.00 -24.76 9.25
CA THR B 344 10.89 -23.40 9.74
C THR B 344 9.58 -22.77 9.28
N GLY B 345 8.79 -22.29 10.23
CA GLY B 345 7.51 -21.70 9.90
C GLY B 345 7.45 -20.21 10.15
N GLY B 346 8.45 -19.67 10.82
CA GLY B 346 8.43 -18.25 11.14
C GLY B 346 9.74 -17.83 11.77
N PHE B 347 9.92 -16.52 11.85
CA PHE B 347 11.20 -15.93 12.26
C PHE B 347 10.85 -14.81 13.23
N VAL B 348 11.07 -15.06 14.53
CA VAL B 348 10.97 -14.03 15.56
C VAL B 348 12.26 -13.22 15.50
N SER B 349 12.18 -12.00 14.98
CA SER B 349 13.34 -11.25 14.55
C SER B 349 13.31 -9.83 15.09
N HIS B 350 14.50 -9.30 15.40
CA HIS B 350 14.63 -7.89 15.74
C HIS B 350 14.42 -6.98 14.53
N CYS B 351 14.33 -7.55 13.33
CA CYS B 351 14.00 -6.82 12.12
C CYS B 351 15.16 -5.97 11.64
N GLY B 352 16.39 -6.39 11.94
CA GLY B 352 17.54 -5.92 11.20
C GLY B 352 17.32 -6.16 9.72
N TRP B 353 17.83 -5.28 8.86
CA TRP B 353 17.42 -5.32 7.46
C TRP B 353 17.94 -6.57 6.75
N ASN B 354 19.15 -7.04 7.08
CA ASN B 354 19.59 -8.27 6.43
C ASN B 354 18.70 -9.45 6.82
N SER B 355 18.27 -9.50 8.08
CA SER B 355 17.36 -10.57 8.51
C SER B 355 16.01 -10.48 7.80
N VAL B 356 15.51 -9.26 7.62
CA VAL B 356 14.27 -9.07 6.87
C VAL B 356 14.45 -9.54 5.43
N MET B 357 15.55 -9.14 4.79
CA MET B 357 15.76 -9.53 3.40
C MET B 357 15.89 -11.03 3.26
N GLU B 358 16.65 -11.65 4.15
CA GLU B 358 16.80 -13.11 4.14
C GLU B 358 15.45 -13.79 4.33
N SER B 359 14.67 -13.33 5.29
CA SER B 359 13.36 -13.95 5.53
C SER B 359 12.46 -13.86 4.31
N MET B 360 12.47 -12.71 3.62
CA MET B 360 11.67 -12.57 2.40
C MET B 360 12.20 -13.48 1.28
N MET B 361 13.52 -13.53 1.11
CA MET B 361 14.09 -14.38 0.06
C MET B 361 13.71 -15.83 0.27
N PHE B 362 13.71 -16.28 1.52
CA PHE B 362 13.45 -17.68 1.83
C PHE B 362 11.98 -17.96 2.10
N GLY B 363 11.12 -16.95 2.00
CA GLY B 363 9.70 -17.16 2.14
C GLY B 363 9.22 -17.45 3.54
N VAL B 364 9.90 -16.94 4.55
CA VAL B 364 9.59 -17.22 5.95
C VAL B 364 8.90 -15.99 6.54
N PRO B 365 7.69 -16.12 7.09
CA PRO B 365 7.04 -14.95 7.70
C PRO B 365 7.78 -14.45 8.92
N ILE B 366 7.80 -13.13 9.07
CA ILE B 366 8.49 -12.46 10.17
C ILE B 366 7.49 -12.16 11.27
N ILE B 367 7.87 -12.48 12.50
CA ILE B 367 7.20 -12.02 13.71
C ILE B 367 8.12 -10.98 14.34
N GLY B 368 7.79 -9.69 14.14
CA GLY B 368 8.72 -8.63 14.42
C GLY B 368 8.75 -8.21 15.89
N VAL B 369 9.95 -8.21 16.46
CA VAL B 369 10.20 -7.71 17.82
C VAL B 369 11.33 -6.68 17.71
N PRO B 370 11.11 -5.53 17.08
CA PRO B 370 12.21 -4.57 16.89
C PRO B 370 12.70 -4.03 18.22
N MET B 371 13.98 -3.67 18.25
CA MET B 371 14.61 -3.21 19.47
C MET B 371 15.03 -1.75 19.42
N HIS B 372 15.75 -1.33 18.38
CA HIS B 372 16.23 0.06 18.33
C HIS B 372 16.66 0.40 16.91
N VAL B 373 17.34 1.54 16.76
CA VAL B 373 17.78 2.13 15.49
C VAL B 373 16.72 1.96 14.40
N ASP B 374 17.08 1.38 13.24
CA ASP B 374 16.13 1.33 12.12
C ASP B 374 15.06 0.26 12.29
N GLN B 375 15.19 -0.60 13.29
CA GLN B 375 14.35 -1.79 13.38
C GLN B 375 12.86 -1.50 13.47
N PRO B 376 12.38 -0.54 14.28
CA PRO B 376 10.93 -0.32 14.31
C PRO B 376 10.39 0.15 12.97
N PHE B 377 11.18 0.89 12.18
CA PHE B 377 10.74 1.27 10.84
C PHE B 377 10.71 0.07 9.92
N ASN B 378 11.71 -0.81 10.02
CA ASN B 378 11.71 -2.03 9.21
C ASN B 378 10.51 -2.90 9.53
N ALA B 379 10.18 -3.01 10.82
CA ALA B 379 9.02 -3.81 11.20
C ALA B 379 7.73 -3.19 10.67
N GLY B 380 7.65 -1.86 10.66
CA GLY B 380 6.48 -1.21 10.09
C GLY B 380 6.35 -1.48 8.60
N LEU B 381 7.48 -1.48 7.88
CA LEU B 381 7.43 -1.80 6.47
C LEU B 381 7.06 -3.26 6.24
N VAL B 382 7.60 -4.16 7.06
CA VAL B 382 7.24 -5.57 6.96
C VAL B 382 5.74 -5.76 7.08
N GLU B 383 5.14 -5.11 8.09
CA GLU B 383 3.70 -5.20 8.28
C GLU B 383 2.93 -4.62 7.09
N GLU B 384 3.37 -3.47 6.60
CA GLU B 384 2.73 -2.82 5.46
C GLU B 384 2.81 -3.70 4.22
N ALA B 385 3.95 -4.36 3.99
CA ALA B 385 4.09 -5.27 2.87
C ALA B 385 3.26 -6.53 3.06
N GLY B 386 2.92 -6.88 4.29
CA GLY B 386 2.11 -8.04 4.56
C GLY B 386 2.87 -9.35 4.64
N VAL B 387 4.20 -9.31 4.64
CA VAL B 387 5.03 -10.51 4.74
C VAL B 387 5.40 -10.83 6.18
N GLY B 388 4.85 -10.09 7.13
CA GLY B 388 5.08 -10.39 8.52
C GLY B 388 4.14 -9.60 9.39
N VAL B 389 4.24 -9.83 10.69
CA VAL B 389 3.45 -9.14 11.71
C VAL B 389 4.42 -8.60 12.75
N GLU B 390 4.03 -7.51 13.40
CA GLU B 390 4.85 -6.88 14.43
C GLU B 390 4.19 -7.07 15.79
N ALA B 391 4.92 -7.64 16.74
CA ALA B 391 4.46 -7.66 18.13
C ALA B 391 4.54 -6.26 18.71
N LYS B 392 3.40 -5.69 19.07
CA LYS B 392 3.35 -4.31 19.55
C LYS B 392 3.75 -4.22 21.02
N ARG B 393 4.53 -3.20 21.34
CA ARG B 393 4.85 -2.91 22.73
C ARG B 393 3.65 -2.24 23.42
N ASP B 394 3.59 -2.37 24.73
CA ASP B 394 2.54 -1.75 25.51
C ASP B 394 2.81 -0.25 25.65
N PRO B 395 1.81 0.52 26.13
CA PRO B 395 1.99 1.99 26.20
C PRO B 395 3.26 2.47 26.88
N ASP B 396 3.84 1.72 27.83
CA ASP B 396 5.06 2.14 28.47
C ASP B 396 6.31 1.50 27.86
N GLY B 397 6.18 0.97 26.65
CA GLY B 397 7.33 0.59 25.86
C GLY B 397 7.88 -0.79 26.12
N LYS B 398 7.12 -1.68 26.76
CA LYS B 398 7.61 -3.01 27.09
C LYS B 398 7.11 -4.03 26.08
N ILE B 399 7.96 -5.02 25.80
CA ILE B 399 7.52 -6.18 25.04
C ILE B 399 6.45 -6.91 25.85
N GLN B 400 5.44 -7.43 25.14
CA GLN B 400 4.30 -8.11 25.77
C GLN B 400 4.35 -9.59 25.43
N ARG B 401 4.51 -10.43 26.45
CA ARG B 401 4.52 -11.88 26.22
C ARG B 401 3.24 -12.35 25.53
N ASP B 402 2.11 -11.70 25.80
CA ASP B 402 0.86 -12.15 25.20
C ASP B 402 0.81 -11.84 23.71
N GLU B 403 1.34 -10.68 23.31
CA GLU B 403 1.41 -10.33 21.90
C GLU B 403 2.30 -11.32 21.16
N VAL B 404 3.48 -11.61 21.73
CA VAL B 404 4.41 -12.56 21.13
C VAL B 404 3.73 -13.92 20.96
N ALA B 405 3.09 -14.39 22.03
CA ALA B 405 2.45 -15.71 21.99
C ALA B 405 1.33 -15.75 20.96
N LYS B 406 0.52 -14.70 20.88
CA LYS B 406 -0.61 -14.70 19.95
C LYS B 406 -0.14 -14.69 18.49
N LEU B 407 0.88 -13.88 18.17
CA LEU B 407 1.31 -13.81 16.79
C LEU B 407 1.97 -15.12 16.36
N ILE B 408 2.73 -15.75 17.24
CA ILE B 408 3.32 -17.04 16.92
C ILE B 408 2.22 -18.07 16.68
N LYS B 409 1.22 -18.10 17.57
CA LYS B 409 0.08 -18.98 17.40
C LYS B 409 -0.60 -18.75 16.05
N GLU B 410 -0.90 -17.49 15.74
CA GLU B 410 -1.63 -17.15 14.52
C GLU B 410 -0.84 -17.51 13.28
N VAL B 411 0.45 -17.20 13.27
CA VAL B 411 1.22 -17.32 12.04
C VAL B 411 1.77 -18.72 11.84
N VAL B 412 2.14 -19.40 12.92
CA VAL B 412 2.95 -20.61 12.87
C VAL B 412 2.18 -21.83 13.38
N VAL B 413 1.65 -21.76 14.60
CA VAL B 413 1.13 -22.97 15.23
C VAL B 413 -0.25 -23.33 14.67
N GLU B 414 -1.19 -22.39 14.67
CA GLU B 414 -2.52 -22.65 14.13
C GLU B 414 -2.69 -22.18 12.70
N LYS B 415 -1.82 -21.30 12.22
CA LYS B 415 -1.81 -20.84 10.83
C LYS B 415 -3.16 -20.22 10.44
N THR B 416 -3.72 -19.40 11.34
CA THR B 416 -4.90 -18.64 10.99
C THR B 416 -4.57 -17.38 10.18
N ARG B 417 -3.32 -16.94 10.19
CA ARG B 417 -2.88 -15.82 9.36
C ARG B 417 -2.27 -16.33 8.05
N GLU B 418 -3.10 -17.02 7.26
CA GLU B 418 -2.63 -17.57 6.00
C GLU B 418 -2.24 -16.47 5.01
N ASP B 419 -2.85 -15.29 5.12
CA ASP B 419 -2.50 -14.18 4.24
C ASP B 419 -1.02 -13.82 4.36
N VAL B 420 -0.49 -13.87 5.57
CA VAL B 420 0.92 -13.54 5.79
C VAL B 420 1.83 -14.63 5.22
N ARG B 421 1.45 -15.90 5.42
CA ARG B 421 2.26 -16.98 4.86
C ARG B 421 2.29 -16.92 3.34
N LYS B 422 1.14 -16.68 2.73
CA LYS B 422 1.08 -16.68 1.27
C LYS B 422 1.80 -15.46 0.70
N LYS B 423 1.67 -14.31 1.35
CA LYS B 423 2.40 -13.12 0.89
C LYS B 423 3.90 -13.31 1.01
N ALA B 424 4.36 -14.00 2.05
CA ALA B 424 5.79 -14.28 2.18
C ALA B 424 6.27 -15.22 1.08
N ARG B 425 5.46 -16.25 0.76
CA ARG B 425 5.81 -17.14 -0.33
C ARG B 425 5.85 -16.39 -1.65
N GLU B 426 4.88 -15.49 -1.87
CA GLU B 426 4.83 -14.72 -3.11
C GLU B 426 5.99 -13.76 -3.23
N MET B 427 6.40 -13.12 -2.13
CA MET B 427 7.59 -12.27 -2.17
C MET B 427 8.82 -13.09 -2.54
N SER B 428 8.95 -14.28 -1.96
CA SER B 428 10.08 -15.15 -2.26
C SER B 428 10.15 -15.50 -3.75
N GLU B 429 9.01 -15.80 -4.37
CA GLU B 429 9.06 -16.13 -5.80
C GLU B 429 9.43 -14.91 -6.63
N ILE B 430 8.92 -13.73 -6.25
CA ILE B 430 9.37 -12.50 -6.91
C ILE B 430 10.88 -12.38 -6.80
N LEU B 431 11.42 -12.58 -5.59
CA LEU B 431 12.85 -12.33 -5.40
C LEU B 431 13.71 -13.37 -6.11
N ARG B 432 13.26 -14.63 -6.11
CA ARG B 432 14.00 -15.67 -6.81
C ARG B 432 13.96 -15.49 -8.31
N SER B 433 12.97 -14.77 -8.83
CA SER B 433 12.89 -14.51 -10.26
C SER B 433 13.95 -13.52 -10.73
N LYS B 434 14.53 -12.74 -9.82
CA LYS B 434 15.53 -11.76 -10.19
C LYS B 434 16.84 -12.44 -10.57
N GLY B 435 17.56 -11.82 -11.49
CA GLY B 435 18.87 -12.30 -11.87
C GLY B 435 19.90 -11.21 -11.82
N GLU B 436 20.96 -11.33 -12.61
CA GLU B 436 22.02 -10.33 -12.54
C GLU B 436 21.61 -9.01 -13.16
N GLU B 437 20.46 -8.93 -13.83
CA GLU B 437 19.93 -7.64 -14.27
C GLU B 437 19.64 -6.71 -13.09
N LYS B 438 19.50 -7.26 -11.87
CA LYS B 438 19.30 -6.39 -10.73
C LYS B 438 20.48 -5.44 -10.50
N PHE B 439 21.63 -5.71 -11.13
CA PHE B 439 22.81 -4.87 -10.97
C PHE B 439 23.05 -3.96 -12.17
N ASP B 440 22.20 -4.03 -13.19
CA ASP B 440 22.44 -3.27 -14.42
C ASP B 440 22.47 -1.77 -14.16
N GLU B 441 21.53 -1.27 -13.35
CA GLU B 441 21.47 0.17 -13.17
C GLU B 441 22.69 0.70 -12.42
N MET B 442 23.13 -0.01 -11.37
CA MET B 442 24.35 0.40 -10.67
C MET B 442 25.54 0.43 -11.61
N VAL B 443 25.67 -0.60 -12.45
CA VAL B 443 26.83 -0.66 -13.34
C VAL B 443 26.78 0.47 -14.35
N ALA B 444 25.58 0.78 -14.85
CA ALA B 444 25.46 1.90 -15.78
C ALA B 444 25.82 3.21 -15.12
N GLU B 445 25.38 3.42 -13.87
CA GLU B 445 25.73 4.66 -13.19
C GLU B 445 27.22 4.75 -12.88
N ILE B 446 27.84 3.63 -12.50
CA ILE B 446 29.29 3.63 -12.29
C ILE B 446 30.00 3.97 -13.57
N SER B 447 29.55 3.37 -14.68
CA SER B 447 30.16 3.64 -15.98
C SER B 447 30.08 5.12 -16.34
N LEU B 448 28.90 5.72 -16.16
CA LEU B 448 28.74 7.13 -16.50
C LEU B 448 29.61 8.01 -15.61
N LEU B 449 29.67 7.71 -14.31
CA LEU B 449 30.45 8.53 -13.39
C LEU B 449 31.93 8.51 -13.78
N LEU B 450 32.46 7.33 -14.11
CA LEU B 450 33.86 7.23 -14.45
C LEU B 450 34.17 7.84 -15.82
N LYS B 451 33.22 7.79 -16.75
CA LYS B 451 33.43 8.45 -18.04
C LYS B 451 33.45 9.96 -17.89
N ILE B 452 32.62 10.50 -17.00
CA ILE B 452 32.66 11.93 -16.69
C ILE B 452 33.97 12.28 -16.01
N GLU B 453 34.39 11.45 -15.05
CA GLU B 453 35.61 11.79 -14.33
C GLU B 453 36.84 11.70 -15.22
N HIS B 454 36.84 10.82 -16.21
CA HIS B 454 37.95 10.77 -17.15
C HIS B 454 38.12 12.11 -17.85
N HIS B 455 37.03 12.73 -18.30
CA HIS B 455 37.13 14.02 -18.97
C HIS B 455 37.74 15.08 -18.04
N HIS B 456 37.30 15.12 -16.78
CA HIS B 456 37.72 16.20 -15.91
C HIS B 456 39.18 16.03 -15.48
N HIS B 457 39.61 14.80 -15.20
CA HIS B 457 41.02 14.56 -14.99
C HIS B 457 41.39 13.12 -15.32
N1 UDP C . -28.31 -0.14 -6.84
C2 UDP C . -29.27 -0.83 -6.14
N3 UDP C . -29.84 -1.94 -6.78
C4 UDP C . -29.51 -2.38 -8.03
C5 UDP C . -28.50 -1.61 -8.71
C6 UDP C . -27.93 -0.53 -8.11
O2 UDP C . -29.62 -0.51 -5.01
O4 UDP C . -30.08 -3.37 -8.48
C1' UDP C . -27.71 1.04 -6.21
C2' UDP C . -26.27 0.76 -5.66
O2' UDP C . -26.34 0.31 -4.31
C3' UDP C . -25.62 2.12 -5.76
C4' UDP C . -26.28 2.74 -6.99
O4' UDP C . -27.55 2.02 -7.21
O3' UDP C . -25.90 2.94 -4.60
C5' UDP C . -25.42 2.52 -8.18
O5' UDP C . -24.40 3.49 -8.11
PA UDP C . -22.94 3.18 -8.80
O1A UDP C . -22.31 1.94 -8.27
O2A UDP C . -22.10 4.39 -8.56
O3A UDP C . -23.13 2.88 -10.38
PB UDP C . -23.99 3.66 -11.54
O1B UDP C . -23.26 3.18 -12.78
O2B UDP C . -23.84 5.15 -11.35
O3B UDP C . -25.40 3.23 -11.42
C TRS D . -20.95 7.15 -10.97
C1 TRS D . -21.24 7.28 -9.49
C2 TRS D . -20.05 8.30 -11.45
C3 TRS D . -20.22 5.82 -11.18
N TRS D . -22.18 7.17 -11.75
O1 TRS D . -21.98 8.43 -9.23
O2 TRS D . -20.01 8.32 -12.85
O3 TRS D . -18.93 5.91 -10.59
N1 UDP E . 23.39 -13.83 11.75
C2 UDP E . 23.71 -15.18 11.72
N3 UDP E . 23.63 -15.86 12.93
C4 UDP E . 23.25 -15.29 14.12
C5 UDP E . 22.93 -13.90 14.08
C6 UDP E . 23.00 -13.21 12.91
O2 UDP E . 24.07 -15.75 10.71
O4 UDP E . 23.22 -16.00 15.13
C1' UDP E . 23.48 -13.06 10.49
C2' UDP E . 22.09 -12.86 9.82
O2' UDP E . 21.82 -13.96 8.91
C3' UDP E . 22.27 -11.56 9.10
C4' UDP E . 23.24 -10.78 10.01
O4' UDP E . 23.91 -11.76 10.86
O3' UDP E . 22.91 -11.79 7.83
C5' UDP E . 22.52 -9.81 10.90
O5' UDP E . 22.26 -8.67 10.08
PA UDP E . 20.94 -7.80 10.44
O1A UDP E . 20.87 -6.64 9.48
O2A UDP E . 19.71 -8.65 10.49
O3A UDP E . 21.06 -7.25 11.95
PB UDP E . 22.29 -6.53 12.78
O1B UDP E . 23.19 -7.62 13.25
O2B UDP E . 23.01 -5.57 11.86
O3B UDP E . 21.58 -5.82 13.89
C TRS F . 21.72 -2.92 9.59
C1 TRS F . 22.03 -3.65 8.30
C2 TRS F . 20.42 -3.53 10.15
C3 TRS F . 21.56 -1.41 9.34
N TRS F . 22.79 -3.12 10.55
O1 TRS F . 23.40 -3.59 8.06
O2 TRS F . 19.29 -2.99 9.52
O3 TRS F . 21.80 -0.67 10.52
C1 PEG G . 18.74 6.73 9.20
O1 PEG G . 18.90 6.29 10.52
C2 PEG G . 17.81 7.94 9.15
O2 PEG G . 18.52 9.07 9.58
C3 PEG G . 17.88 10.29 9.37
C4 PEG G . 18.62 11.43 10.08
O4 PEG G . 18.10 11.61 11.37
#